data_1B0G
#
_entry.id   1B0G
#
_cell.length_a   50.090
_cell.length_b   62.890
_cell.length_c   74.680
_cell.angle_alpha   81.98
_cell.angle_beta   76.18
_cell.angle_gamma   77.86
#
_symmetry.space_group_name_H-M   'P 1'
#
loop_
_entity.id
_entity.type
_entity.pdbx_description
1 polymer 'CLASS I HISTOCOMPATIBILITY ANTIGEN'
2 polymer 'BETA 2-MICROGLOBULIN'
3 polymer 'PEPTIDE P1049 (ALWGFFPVL)'
4 water water
#
loop_
_entity_poly.entity_id
_entity_poly.type
_entity_poly.pdbx_seq_one_letter_code
_entity_poly.pdbx_strand_id
1 'polypeptide(L)'
;GSHSMRYFFTSVSRPGRGEPRFIAVGYVDDTQFVRFDSDAASQRMEPRAPWIEQEGPEYWDGETRKVKAHSQTHRVDLGT
LRGYYNQSEAGSHTVQRMYGCDVGSDWRFLRGYHQYAYDGKDYIALKEDLRSWTAADMAAQTTKHKWEAAHVAEQLRAYL
EGTCVEWLRRYLENGKETLQRTDAPKTHMTHHAVSDHEATLRCWALSFYPAEITLTWQRDGEDQTQDTELVETRPAGDGT
FQKWAAVVVPSGQEQRYTCHVQHEGLPKPLTLRWE
;
A,D
2 'polypeptide(L)'
;MIQRTPKIQVYSRHPAENGKSNFLNCYVSGFHPSDIEVDLLKNGERIEKVEHSDLSFSKDWSFYLLYYTEFTPTEKDEYA
CRVNHVTLSQPKIVKWDRDM
;
B,E
3 'polypeptide(L)' ALWGFFPVL C,F
#
# COMPACT_ATOMS: atom_id res chain seq x y z
N GLY A 1 -11.67 -9.83 50.53
CA GLY A 1 -11.22 -8.92 49.44
C GLY A 1 -11.94 -9.27 48.14
N SER A 2 -12.20 -8.26 47.32
CA SER A 2 -12.87 -8.49 46.04
C SER A 2 -11.91 -9.17 45.09
N HIS A 3 -12.45 -9.98 44.17
CA HIS A 3 -11.59 -10.70 43.22
C HIS A 3 -12.19 -10.57 41.83
N SER A 4 -11.38 -10.91 40.83
CA SER A 4 -11.85 -10.82 39.45
C SER A 4 -11.17 -11.90 38.61
N MET A 5 -11.78 -12.19 37.46
CA MET A 5 -11.22 -13.12 36.49
C MET A 5 -11.39 -12.47 35.13
N ARG A 6 -10.30 -12.35 34.36
CA ARG A 6 -10.38 -11.71 33.06
C ARG A 6 -9.65 -12.46 31.95
N TYR A 7 -10.20 -12.37 30.75
CA TYR A 7 -9.59 -13.00 29.59
C TYR A 7 -9.30 -11.88 28.59
N PHE A 8 -8.03 -11.77 28.23
CA PHE A 8 -7.58 -10.76 27.29
C PHE A 8 -7.20 -11.46 25.99
N PHE A 9 -7.67 -10.93 24.86
CA PHE A 9 -7.42 -11.50 23.55
C PHE A 9 -6.88 -10.49 22.55
N THR A 10 -5.77 -10.79 21.89
CA THR A 10 -5.20 -9.88 20.91
C THR A 10 -4.95 -10.57 19.58
N SER A 11 -5.49 -9.99 18.52
CA SER A 11 -5.32 -10.51 17.17
C SER A 11 -4.79 -9.42 16.27
N VAL A 12 -3.73 -9.73 15.53
CA VAL A 12 -3.10 -8.76 14.64
C VAL A 12 -3.03 -9.37 13.24
N SER A 13 -3.40 -8.63 12.20
CA SER A 13 -3.33 -9.19 10.85
C SER A 13 -1.93 -9.07 10.29
N ARG A 14 -1.48 -10.12 9.61
CA ARG A 14 -0.16 -10.15 9.01
C ARG A 14 -0.33 -10.33 7.51
N PRO A 15 -0.77 -9.29 6.81
CA PRO A 15 -1.00 -9.30 5.37
C PRO A 15 0.16 -9.84 4.56
N GLY A 16 -0.05 -11.02 3.95
CA GLY A 16 0.98 -11.65 3.14
C GLY A 16 2.06 -12.30 3.99
N ARG A 17 1.77 -12.50 5.26
CA ARG A 17 2.72 -13.10 6.18
C ARG A 17 2.03 -14.20 6.99
N GLY A 18 0.96 -14.74 6.41
CA GLY A 18 0.21 -15.79 7.07
C GLY A 18 -1.08 -15.33 7.73
N GLU A 19 -1.66 -16.22 8.54
CA GLU A 19 -2.89 -15.90 9.26
C GLU A 19 -2.58 -14.99 10.43
N PRO A 20 -3.56 -14.22 10.88
CA PRO A 20 -3.40 -13.33 12.02
C PRO A 20 -2.85 -14.03 13.25
N ARG A 21 -2.06 -13.28 14.00
CA ARG A 21 -1.45 -13.76 15.24
C ARG A 21 -2.46 -13.60 16.37
N PHE A 22 -2.80 -14.69 17.04
CA PHE A 22 -3.74 -14.62 18.15
C PHE A 22 -3.06 -14.94 19.46
N ILE A 23 -3.22 -14.09 20.47
CA ILE A 23 -2.62 -14.34 21.78
C ILE A 23 -3.69 -14.20 22.85
N ALA A 24 -3.92 -15.28 23.58
CA ALA A 24 -4.93 -15.30 24.63
C ALA A 24 -4.28 -15.61 25.98
N VAL A 25 -4.60 -14.77 26.97
CA VAL A 25 -4.11 -14.90 28.33
C VAL A 25 -5.32 -14.77 29.26
N GLY A 26 -5.22 -15.38 30.43
CA GLY A 26 -6.32 -15.32 31.39
C GLY A 26 -5.71 -14.96 32.74
N TYR A 27 -6.41 -14.16 33.52
CA TYR A 27 -5.95 -13.71 34.81
C TYR A 27 -7.03 -13.86 35.87
N VAL A 28 -6.53 -14.11 37.05
CA VAL A 28 -7.31 -14.12 38.29
C VAL A 28 -6.62 -13.11 39.18
N ASP A 29 -7.24 -11.98 39.34
CA ASP A 29 -6.60 -10.88 40.04
C ASP A 29 -5.38 -10.50 39.22
N ASP A 30 -4.22 -10.42 39.85
CA ASP A 30 -2.99 -10.04 39.15
C ASP A 30 -2.13 -11.23 38.78
N THR A 31 -2.71 -12.41 38.81
CA THR A 31 -2.01 -13.65 38.52
C THR A 31 -2.51 -14.28 37.21
N GLN A 32 -1.60 -14.40 36.24
CA GLN A 32 -1.96 -15.02 34.97
C GLN A 32 -1.99 -16.53 35.20
N PHE A 33 -3.00 -17.23 34.66
CA PHE A 33 -3.05 -18.67 34.90
C PHE A 33 -3.01 -19.56 33.67
N VAL A 34 -3.34 -19.03 32.49
CA VAL A 34 -3.32 -19.79 31.25
C VAL A 34 -2.86 -18.95 30.07
N ARG A 35 -2.62 -19.58 28.92
CA ARG A 35 -2.22 -18.86 27.73
C ARG A 35 -2.40 -19.73 26.49
N PHE A 36 -2.55 -19.08 25.37
CA PHE A 36 -2.67 -19.71 24.07
C PHE A 36 -1.99 -18.72 23.12
N ASP A 37 -1.36 -19.23 22.09
CA ASP A 37 -0.69 -18.40 21.10
C ASP A 37 -0.82 -19.12 19.77
N SER A 38 -1.30 -18.44 18.75
CA SER A 38 -1.47 -19.02 17.43
C SER A 38 -0.13 -19.48 16.86
N ASP A 39 0.93 -18.73 17.13
CA ASP A 39 2.28 -19.09 16.70
C ASP A 39 2.93 -20.16 17.56
N ALA A 40 2.18 -20.73 18.50
CA ALA A 40 2.68 -21.74 19.41
C ALA A 40 2.78 -23.10 18.73
N ALA A 41 3.74 -23.89 19.18
CA ALA A 41 3.98 -25.23 18.65
C ALA A 41 2.86 -26.19 19.07
N SER A 42 2.47 -26.11 20.33
CA SER A 42 1.46 -26.97 20.93
C SER A 42 0.04 -26.80 20.39
N GLN A 43 -0.36 -25.56 20.16
CA GLN A 43 -1.71 -25.28 19.70
C GLN A 43 -2.66 -25.79 20.78
N ARG A 44 -2.32 -25.47 22.02
CA ARG A 44 -3.11 -25.87 23.18
C ARG A 44 -3.14 -24.75 24.20
N MET A 45 -4.15 -24.79 25.06
CA MET A 45 -4.23 -23.79 26.11
C MET A 45 -3.23 -24.32 27.13
N GLU A 46 -2.26 -23.52 27.47
CA GLU A 46 -1.21 -23.93 28.40
C GLU A 46 -1.36 -23.24 29.74
N PRO A 47 -0.94 -23.89 30.82
CA PRO A 47 -1.02 -23.29 32.16
C PRO A 47 0.16 -22.35 32.36
N ARG A 48 -0.07 -21.33 33.19
CA ARG A 48 0.96 -20.33 33.46
C ARG A 48 1.06 -20.11 34.96
N ALA A 49 0.34 -20.93 35.70
CA ALA A 49 0.34 -20.86 37.16
C ALA A 49 0.28 -22.30 37.68
N PRO A 50 1.07 -22.61 38.68
CA PRO A 50 1.14 -23.93 39.30
C PRO A 50 -0.22 -24.50 39.65
N TRP A 51 -1.02 -23.73 40.38
CA TRP A 51 -2.35 -24.16 40.80
C TRP A 51 -3.29 -24.60 39.68
N ILE A 52 -3.13 -24.09 38.47
CA ILE A 52 -4.00 -24.52 37.38
C ILE A 52 -3.52 -25.80 36.71
N GLU A 53 -2.25 -26.14 36.95
CA GLU A 53 -1.67 -27.37 36.40
C GLU A 53 -2.27 -28.61 37.02
N GLN A 54 -3.05 -28.45 38.09
CA GLN A 54 -3.75 -29.50 38.79
C GLN A 54 -5.06 -29.87 38.09
N GLU A 55 -5.42 -29.14 37.05
CA GLU A 55 -6.64 -29.42 36.32
C GLU A 55 -6.40 -30.63 35.42
N GLY A 56 -7.46 -31.39 35.17
CA GLY A 56 -7.30 -32.59 34.35
C GLY A 56 -7.34 -32.33 32.86
N PRO A 57 -7.17 -33.40 32.06
CA PRO A 57 -7.18 -33.43 30.62
C PRO A 57 -8.44 -32.84 30.05
N GLU A 58 -9.53 -33.08 30.76
CA GLU A 58 -10.84 -32.57 30.36
C GLU A 58 -10.77 -31.05 30.26
N TYR A 59 -10.27 -30.41 31.31
CA TYR A 59 -10.15 -28.96 31.38
C TYR A 59 -9.25 -28.41 30.30
N TRP A 60 -8.10 -29.06 30.12
CA TRP A 60 -7.14 -28.59 29.11
C TRP A 60 -7.63 -28.80 27.70
N ASP A 61 -8.40 -29.86 27.50
CA ASP A 61 -8.94 -30.16 26.19
C ASP A 61 -10.07 -29.20 25.86
N GLY A 62 -10.89 -28.88 26.86
CA GLY A 62 -12.00 -27.99 26.63
C GLY A 62 -11.57 -26.54 26.42
N GLU A 63 -10.57 -26.12 27.18
CA GLU A 63 -10.10 -24.74 27.06
C GLU A 63 -9.42 -24.56 25.71
N THR A 64 -8.70 -25.60 25.29
CA THR A 64 -8.00 -25.60 24.01
C THR A 64 -9.01 -25.51 22.89
N ARG A 65 -10.07 -26.30 23.01
CA ARG A 65 -11.14 -26.30 22.01
C ARG A 65 -11.81 -24.92 21.94
N LYS A 66 -12.18 -24.38 23.09
CA LYS A 66 -12.81 -23.08 23.16
C LYS A 66 -11.91 -21.92 22.76
N VAL A 67 -10.63 -21.91 23.13
CA VAL A 67 -9.72 -20.83 22.80
C VAL A 67 -9.36 -20.78 21.31
N LYS A 68 -9.22 -21.94 20.69
CA LYS A 68 -8.95 -22.00 19.26
C LYS A 68 -10.18 -21.42 18.56
N ALA A 69 -11.36 -21.70 19.11
CA ALA A 69 -12.62 -21.18 18.58
C ALA A 69 -12.63 -19.66 18.59
N HIS A 70 -12.16 -19.07 19.68
CA HIS A 70 -12.06 -17.62 19.83
C HIS A 70 -11.06 -17.11 18.80
N SER A 71 -10.00 -17.89 18.62
CA SER A 71 -8.97 -17.55 17.65
C SER A 71 -9.61 -17.34 16.29
N GLN A 72 -10.31 -18.36 15.81
CA GLN A 72 -10.98 -18.32 14.51
C GLN A 72 -11.90 -17.09 14.44
N THR A 73 -12.75 -16.95 15.44
CA THR A 73 -13.67 -15.84 15.55
C THR A 73 -12.97 -14.51 15.31
N HIS A 74 -11.77 -14.35 15.87
CA HIS A 74 -11.00 -13.12 15.70
C HIS A 74 -10.34 -13.00 14.34
N ARG A 75 -10.20 -14.12 13.63
CA ARG A 75 -9.64 -14.14 12.29
C ARG A 75 -10.72 -13.59 11.36
N VAL A 76 -11.95 -13.99 11.65
CA VAL A 76 -13.10 -13.50 10.90
C VAL A 76 -13.30 -12.02 11.18
N ASP A 77 -13.28 -11.65 12.45
CA ASP A 77 -13.46 -10.28 12.88
C ASP A 77 -12.52 -9.28 12.22
N LEU A 78 -11.26 -9.66 11.97
CA LEU A 78 -10.33 -8.72 11.34
C LEU A 78 -10.85 -8.38 9.94
N GLY A 79 -11.26 -9.41 9.21
CA GLY A 79 -11.79 -9.22 7.87
C GLY A 79 -13.05 -8.36 7.93
N THR A 80 -13.93 -8.69 8.85
CA THR A 80 -15.19 -7.97 9.02
C THR A 80 -15.05 -6.47 9.25
N LEU A 81 -14.22 -6.04 10.21
CA LEU A 81 -14.02 -4.64 10.50
C LEU A 81 -13.34 -3.93 9.35
N ARG A 82 -12.38 -4.63 8.74
CA ARG A 82 -11.68 -4.13 7.57
C ARG A 82 -12.73 -3.72 6.54
N GLY A 83 -13.76 -4.57 6.40
CA GLY A 83 -14.87 -4.30 5.53
C GLY A 83 -15.70 -3.12 6.00
N TYR A 84 -16.08 -3.12 7.27
CA TYR A 84 -16.84 -2.03 7.89
C TYR A 84 -16.18 -0.67 7.69
N TYR A 85 -14.85 -0.66 7.60
CA TYR A 85 -14.13 0.59 7.48
C TYR A 85 -13.50 0.86 6.13
N ASN A 86 -13.82 0.00 5.17
CA ASN A 86 -13.30 0.14 3.81
C ASN A 86 -11.79 0.33 3.88
N GLN A 87 -11.13 -0.67 4.45
CA GLN A 87 -9.68 -0.62 4.63
C GLN A 87 -8.95 -1.56 3.68
N SER A 88 -7.70 -1.20 3.39
CA SER A 88 -6.85 -1.98 2.50
C SER A 88 -6.47 -3.30 3.13
N GLU A 89 -6.36 -4.33 2.28
CA GLU A 89 -5.98 -5.66 2.71
C GLU A 89 -4.50 -5.73 3.07
N ALA A 90 -3.74 -4.71 2.70
CA ALA A 90 -2.31 -4.66 2.97
C ALA A 90 -1.98 -4.24 4.40
N GLY A 91 -2.87 -3.45 4.99
CA GLY A 91 -2.66 -2.96 6.34
C GLY A 91 -2.87 -3.99 7.44
N SER A 92 -2.00 -3.91 8.44
CA SER A 92 -2.06 -4.78 9.61
C SER A 92 -2.95 -4.07 10.62
N HIS A 93 -3.94 -4.79 11.13
CA HIS A 93 -4.89 -4.23 12.09
C HIS A 93 -4.97 -5.06 13.36
N THR A 94 -5.41 -4.43 14.46
CA THR A 94 -5.50 -5.10 15.75
C THR A 94 -6.91 -5.10 16.32
N VAL A 95 -7.36 -6.27 16.78
CA VAL A 95 -8.63 -6.44 17.45
C VAL A 95 -8.28 -6.99 18.83
N GLN A 96 -8.75 -6.35 19.89
CA GLN A 96 -8.49 -6.83 21.23
C GLN A 96 -9.87 -7.00 21.84
N ARG A 97 -10.01 -8.02 22.67
CA ARG A 97 -11.28 -8.32 23.30
C ARG A 97 -11.02 -8.63 24.78
N MET A 98 -11.90 -8.18 25.66
CA MET A 98 -11.73 -8.45 27.07
C MET A 98 -13.09 -8.78 27.68
N TYR A 99 -13.09 -9.76 28.58
CA TYR A 99 -14.30 -10.13 29.30
C TYR A 99 -13.94 -10.81 30.62
N GLY A 100 -14.75 -10.57 31.63
CA GLY A 100 -14.49 -11.14 32.94
C GLY A 100 -15.60 -10.75 33.90
N CYS A 101 -15.38 -11.10 35.16
CA CYS A 101 -16.36 -10.83 36.20
C CYS A 101 -15.63 -10.49 37.50
N ASP A 102 -16.24 -9.60 38.27
CA ASP A 102 -15.68 -9.21 39.56
C ASP A 102 -16.66 -9.70 40.63
N VAL A 103 -16.11 -10.08 41.77
CA VAL A 103 -16.91 -10.56 42.88
C VAL A 103 -16.47 -9.71 44.07
N GLY A 104 -17.41 -9.44 44.96
CA GLY A 104 -17.07 -8.64 46.14
C GLY A 104 -16.28 -9.48 47.12
N SER A 105 -16.10 -8.92 48.31
CA SER A 105 -15.40 -9.60 49.40
C SER A 105 -16.15 -10.87 49.78
N ASP A 106 -17.45 -10.88 49.54
CA ASP A 106 -18.35 -11.97 49.78
C ASP A 106 -18.29 -13.07 48.72
N TRP A 107 -17.49 -12.83 47.69
CA TRP A 107 -17.28 -13.70 46.54
C TRP A 107 -18.54 -13.74 45.69
N ARG A 108 -19.41 -12.76 45.82
CA ARG A 108 -20.64 -12.68 45.06
C ARG A 108 -20.49 -11.77 43.85
N PHE A 109 -21.21 -12.06 42.78
CA PHE A 109 -21.14 -11.26 41.56
C PHE A 109 -21.23 -9.78 41.87
N LEU A 110 -20.40 -8.99 41.19
CA LEU A 110 -20.37 -7.54 41.36
C LEU A 110 -20.50 -6.86 40.01
N ARG A 111 -19.85 -7.41 38.98
CA ARG A 111 -19.91 -6.89 37.62
C ARG A 111 -19.24 -7.78 36.58
N GLY A 112 -19.72 -7.66 35.35
CA GLY A 112 -19.19 -8.47 34.25
C GLY A 112 -18.80 -7.51 33.12
N TYR A 113 -17.79 -7.91 32.33
CA TYR A 113 -17.25 -7.08 31.27
C TYR A 113 -17.23 -7.85 29.96
N HIS A 114 -17.28 -7.13 28.86
CA HIS A 114 -17.24 -7.74 27.54
C HIS A 114 -17.06 -6.62 26.53
N GLN A 115 -15.82 -6.21 26.35
CA GLN A 115 -15.46 -5.12 25.45
C GLN A 115 -14.58 -5.58 24.29
N TYR A 116 -14.44 -4.71 23.30
CA TYR A 116 -13.65 -4.90 22.11
C TYR A 116 -13.04 -3.56 21.71
N ALA A 117 -11.90 -3.59 21.07
CA ALA A 117 -11.24 -2.40 20.59
C ALA A 117 -10.71 -2.74 19.20
N TYR A 118 -10.63 -1.74 18.36
CA TYR A 118 -10.12 -1.92 17.01
C TYR A 118 -9.03 -0.86 16.86
N ASP A 119 -7.80 -1.30 16.70
CA ASP A 119 -6.65 -0.40 16.57
C ASP A 119 -6.54 0.56 17.76
N GLY A 120 -6.87 0.08 18.96
CA GLY A 120 -6.79 0.85 20.18
C GLY A 120 -8.01 1.66 20.55
N LYS A 121 -8.94 1.82 19.61
CA LYS A 121 -10.15 2.59 19.87
C LYS A 121 -11.29 1.66 20.26
N ASP A 122 -11.99 1.99 21.35
CA ASP A 122 -13.13 1.20 21.79
C ASP A 122 -14.07 1.02 20.60
N TYR A 123 -14.53 -0.19 20.42
CA TYR A 123 -15.43 -0.55 19.34
C TYR A 123 -16.83 -0.75 19.93
N ILE A 124 -16.99 -1.81 20.73
CA ILE A 124 -18.28 -2.09 21.35
C ILE A 124 -18.06 -2.58 22.77
N ALA A 125 -19.01 -2.30 23.66
CA ALA A 125 -18.89 -2.72 25.05
C ALA A 125 -20.23 -2.99 25.71
N LEU A 126 -20.29 -4.12 26.41
CA LEU A 126 -21.49 -4.48 27.15
C LEU A 126 -21.63 -3.41 28.22
N LYS A 127 -22.82 -2.86 28.35
CA LYS A 127 -23.08 -1.83 29.36
C LYS A 127 -23.25 -2.54 30.71
N GLU A 128 -23.07 -1.82 31.80
CA GLU A 128 -23.19 -2.39 33.14
C GLU A 128 -24.44 -3.20 33.42
N ASP A 129 -25.59 -2.82 32.86
CA ASP A 129 -26.84 -3.52 33.04
C ASP A 129 -26.84 -4.94 32.49
N LEU A 130 -25.79 -5.32 31.78
CA LEU A 130 -25.65 -6.62 31.16
C LEU A 130 -26.75 -6.86 30.16
N ARG A 131 -27.40 -5.79 29.71
CA ARG A 131 -28.53 -5.84 28.82
C ARG A 131 -28.41 -4.92 27.61
N SER A 132 -27.44 -4.01 27.63
CA SER A 132 -27.28 -3.07 26.52
C SER A 132 -25.84 -2.96 26.06
N TRP A 133 -25.67 -2.44 24.85
CA TRP A 133 -24.36 -2.31 24.23
C TRP A 133 -24.01 -0.90 23.79
N THR A 134 -22.82 -0.46 24.17
CA THR A 134 -22.31 0.84 23.77
C THR A 134 -21.65 0.66 22.41
N ALA A 135 -22.35 1.03 21.35
CA ALA A 135 -21.80 0.92 20.00
C ALA A 135 -21.13 2.27 19.76
N ALA A 136 -19.83 2.25 19.56
CA ALA A 136 -19.06 3.47 19.36
C ALA A 136 -19.52 4.31 18.18
N ASP A 137 -19.59 3.71 17.01
CA ASP A 137 -19.94 4.43 15.79
C ASP A 137 -20.92 3.64 14.93
N MET A 138 -20.98 3.96 13.64
CA MET A 138 -21.88 3.27 12.71
C MET A 138 -21.49 1.81 12.55
N ALA A 139 -20.19 1.57 12.40
CA ALA A 139 -19.67 0.21 12.27
C ALA A 139 -20.02 -0.60 13.51
N ALA A 140 -19.67 -0.04 14.68
CA ALA A 140 -19.96 -0.70 15.95
C ALA A 140 -21.48 -0.85 16.13
N GLN A 141 -22.27 0.00 15.48
CA GLN A 141 -23.72 -0.09 15.54
C GLN A 141 -24.23 -1.27 14.73
N THR A 142 -23.53 -1.62 13.67
CA THR A 142 -23.89 -2.77 12.84
C THR A 142 -23.71 -4.04 13.66
N THR A 143 -22.60 -4.14 14.37
CA THR A 143 -22.32 -5.26 15.25
C THR A 143 -23.33 -5.32 16.38
N LYS A 144 -23.72 -4.17 16.91
CA LYS A 144 -24.70 -4.10 17.98
C LYS A 144 -26.04 -4.72 17.60
N HIS A 145 -26.55 -4.32 16.44
CA HIS A 145 -27.82 -4.82 15.93
C HIS A 145 -27.76 -6.34 15.74
N LYS A 146 -26.63 -6.84 15.23
CA LYS A 146 -26.45 -8.26 15.03
C LYS A 146 -26.61 -9.00 16.36
N TRP A 147 -25.96 -8.42 17.36
CA TRP A 147 -25.94 -8.97 18.70
C TRP A 147 -27.25 -8.85 19.44
N GLU A 148 -27.97 -7.77 19.19
CA GLU A 148 -29.27 -7.59 19.81
C GLU A 148 -30.22 -8.61 19.19
N ALA A 149 -30.07 -8.82 17.90
CA ALA A 149 -30.88 -9.77 17.15
C ALA A 149 -30.59 -11.20 17.59
N ALA A 150 -29.31 -11.53 17.68
CA ALA A 150 -28.87 -12.85 18.09
C ALA A 150 -28.98 -13.07 19.60
N HIS A 151 -29.39 -12.06 20.35
CA HIS A 151 -29.55 -12.15 21.79
C HIS A 151 -28.29 -12.63 22.49
N VAL A 152 -27.20 -11.92 22.18
CA VAL A 152 -25.90 -12.24 22.73
C VAL A 152 -25.78 -11.85 24.20
N ALA A 153 -26.33 -10.71 24.57
CA ALA A 153 -26.26 -10.22 25.95
C ALA A 153 -26.85 -11.19 26.97
N GLU A 154 -27.89 -11.92 26.58
CA GLU A 154 -28.51 -12.88 27.47
C GLU A 154 -27.62 -14.08 27.76
N GLN A 155 -26.88 -14.52 26.75
CA GLN A 155 -25.96 -15.64 26.88
C GLN A 155 -24.74 -15.19 27.69
N LEU A 156 -24.37 -13.93 27.51
CA LEU A 156 -23.25 -13.36 28.24
C LEU A 156 -23.61 -13.22 29.72
N ARG A 157 -24.77 -12.66 29.97
CA ARG A 157 -25.30 -12.46 31.32
C ARG A 157 -25.17 -13.74 32.13
N ALA A 158 -25.66 -14.84 31.57
CA ALA A 158 -25.56 -16.15 32.19
C ALA A 158 -24.11 -16.54 32.47
N TYR A 159 -23.20 -16.23 31.55
CA TYR A 159 -21.79 -16.54 31.73
C TYR A 159 -21.20 -15.69 32.85
N LEU A 160 -21.21 -14.38 32.63
CA LEU A 160 -20.64 -13.42 33.56
C LEU A 160 -21.16 -13.55 34.98
N GLU A 161 -22.43 -13.91 35.13
CA GLU A 161 -23.04 -14.08 36.43
C GLU A 161 -22.93 -15.49 36.99
N GLY A 162 -23.00 -16.48 36.11
CA GLY A 162 -22.93 -17.87 36.56
C GLY A 162 -21.53 -18.44 36.42
N THR A 163 -21.32 -19.15 35.33
CA THR A 163 -20.05 -19.79 35.03
C THR A 163 -18.81 -19.01 35.45
N CYS A 164 -18.68 -17.78 34.95
CA CYS A 164 -17.53 -16.94 35.26
C CYS A 164 -17.27 -16.89 36.76
N VAL A 165 -18.30 -16.52 37.53
CA VAL A 165 -18.19 -16.41 38.97
C VAL A 165 -17.90 -17.77 39.60
N GLU A 166 -18.54 -18.82 39.08
CA GLU A 166 -18.34 -20.16 39.58
C GLU A 166 -16.89 -20.60 39.48
N TRP A 167 -16.28 -20.38 38.33
CA TRP A 167 -14.90 -20.77 38.10
C TRP A 167 -13.93 -19.91 38.90
N LEU A 168 -14.30 -18.65 39.09
CA LEU A 168 -13.48 -17.72 39.85
C LEU A 168 -13.32 -18.25 41.28
N ARG A 169 -14.43 -18.50 41.94
CA ARG A 169 -14.42 -19.05 43.30
C ARG A 169 -13.62 -20.36 43.35
N ARG A 170 -13.76 -21.20 42.33
CA ARG A 170 -13.04 -22.47 42.28
C ARG A 170 -11.53 -22.23 42.23
N TYR A 171 -11.12 -21.35 41.33
CA TYR A 171 -9.71 -21.00 41.19
C TYR A 171 -9.21 -20.46 42.50
N LEU A 172 -9.98 -19.52 43.05
CA LEU A 172 -9.67 -18.89 44.32
C LEU A 172 -9.38 -19.93 45.39
N GLU A 173 -10.24 -20.94 45.48
CA GLU A 173 -10.02 -21.97 46.48
C GLU A 173 -8.87 -22.89 46.10
N ASN A 174 -8.90 -23.41 44.88
CA ASN A 174 -7.87 -24.32 44.42
C ASN A 174 -6.46 -23.75 44.43
N GLY A 175 -6.35 -22.44 44.32
CA GLY A 175 -5.05 -21.79 44.33
C GLY A 175 -4.94 -20.87 45.53
N LYS A 176 -5.60 -21.22 46.61
CA LYS A 176 -5.65 -20.44 47.84
C LYS A 176 -4.36 -19.79 48.30
N GLU A 177 -3.33 -20.58 48.57
CA GLU A 177 -2.03 -20.12 49.05
C GLU A 177 -1.43 -18.99 48.22
N THR A 178 -1.74 -19.00 46.93
CA THR A 178 -1.28 -18.01 45.98
C THR A 178 -2.26 -16.84 45.87
N LEU A 179 -3.45 -17.13 45.37
CA LEU A 179 -4.51 -16.16 45.14
C LEU A 179 -5.07 -15.51 46.37
N GLN A 180 -5.16 -16.26 47.46
CA GLN A 180 -5.69 -15.72 48.71
C GLN A 180 -4.60 -15.36 49.70
N ARG A 181 -3.59 -14.66 49.22
CA ARG A 181 -2.48 -14.22 50.04
C ARG A 181 -2.31 -12.72 49.77
N THR A 182 -1.92 -11.98 50.78
CA THR A 182 -1.70 -10.56 50.67
C THR A 182 -0.29 -10.30 51.19
N ASP A 183 0.66 -10.05 50.28
CA ASP A 183 2.03 -9.78 50.68
C ASP A 183 2.18 -8.27 50.91
N ALA A 184 2.45 -7.89 52.15
CA ALA A 184 2.67 -6.49 52.48
C ALA A 184 4.01 -6.06 51.88
N PRO A 185 4.10 -4.84 51.35
CA PRO A 185 5.33 -4.37 50.74
C PRO A 185 6.48 -4.18 51.71
N LYS A 186 7.68 -4.46 51.22
CA LYS A 186 8.91 -4.29 51.99
C LYS A 186 9.34 -2.87 51.61
N THR A 187 9.12 -1.94 52.51
CA THR A 187 9.46 -0.55 52.24
C THR A 187 10.83 -0.13 52.73
N HIS A 188 11.33 0.96 52.16
CA HIS A 188 12.64 1.50 52.53
C HIS A 188 12.87 2.74 51.68
N MET A 189 13.74 3.62 52.11
CA MET A 189 14.02 4.83 51.35
C MET A 189 15.50 4.96 51.02
N THR A 190 15.80 5.69 49.96
CA THR A 190 17.18 5.94 49.58
C THR A 190 17.38 7.45 49.56
N HIS A 191 18.59 7.86 49.83
CA HIS A 191 18.93 9.28 49.84
C HIS A 191 20.18 9.47 49.00
N HIS A 192 20.05 10.16 47.88
CA HIS A 192 21.18 10.40 47.00
C HIS A 192 21.32 11.90 46.77
N ALA A 193 22.52 12.41 47.00
CA ALA A 193 22.77 13.83 46.79
C ALA A 193 22.80 14.07 45.29
N VAL A 194 22.00 15.02 44.83
CA VAL A 194 21.97 15.35 43.41
C VAL A 194 22.85 16.57 43.15
N SER A 195 22.94 17.42 44.16
CA SER A 195 23.75 18.62 44.10
C SER A 195 24.19 18.98 45.50
N ASP A 196 24.91 20.10 45.62
CA ASP A 196 25.38 20.57 46.91
C ASP A 196 24.27 21.26 47.72
N HIS A 197 23.07 21.33 47.16
CA HIS A 197 21.94 21.97 47.82
C HIS A 197 20.62 21.22 47.71
N GLU A 198 20.63 20.04 47.11
CA GLU A 198 19.43 19.23 46.94
C GLU A 198 19.75 17.74 47.00
N ALA A 199 18.74 16.94 47.27
CA ALA A 199 18.91 15.50 47.33
C ALA A 199 17.61 14.80 46.95
N THR A 200 17.76 13.59 46.42
CA THR A 200 16.58 12.82 46.04
C THR A 200 16.26 11.84 47.16
N LEU A 201 15.00 11.77 47.49
CA LEU A 201 14.48 10.88 48.52
C LEU A 201 13.50 9.94 47.81
N ARG A 202 13.81 8.66 47.77
CA ARG A 202 12.97 7.68 47.11
C ARG A 202 12.38 6.71 48.13
N CYS A 203 11.09 6.45 47.99
CA CYS A 203 10.41 5.54 48.91
C CYS A 203 10.07 4.31 48.11
N TRP A 204 10.46 3.15 48.62
CA TRP A 204 10.26 1.89 47.93
C TRP A 204 9.23 0.97 48.56
N ALA A 205 8.48 0.31 47.68
CA ALA A 205 7.47 -0.67 48.07
C ALA A 205 7.78 -1.87 47.19
N LEU A 206 8.25 -2.96 47.78
CA LEU A 206 8.65 -4.16 47.06
C LEU A 206 8.04 -5.46 47.61
N SER A 207 8.05 -6.52 46.80
CA SER A 207 7.52 -7.81 47.19
C SER A 207 6.09 -7.78 47.72
N PHE A 208 5.22 -7.04 47.04
CA PHE A 208 3.83 -6.95 47.50
C PHE A 208 2.83 -7.58 46.55
N TYR A 209 1.76 -8.09 47.12
CA TYR A 209 0.66 -8.71 46.38
C TYR A 209 -0.62 -8.51 47.18
N PRO A 210 -1.71 -8.09 46.55
CA PRO A 210 -1.88 -7.78 45.15
C PRO A 210 -1.19 -6.48 44.74
N ALA A 211 -1.23 -6.15 43.46
CA ALA A 211 -0.59 -4.96 42.92
C ALA A 211 -1.18 -3.62 43.38
N GLU A 212 -2.41 -3.60 43.87
CA GLU A 212 -3.04 -2.38 44.34
C GLU A 212 -2.25 -1.77 45.51
N ILE A 213 -1.87 -0.50 45.35
CA ILE A 213 -1.09 0.21 46.37
C ILE A 213 -1.22 1.71 46.16
N THR A 214 -0.91 2.46 47.21
CA THR A 214 -0.90 3.90 47.21
C THR A 214 0.44 4.28 47.86
N LEU A 215 1.24 5.02 47.13
CA LEU A 215 2.56 5.43 47.59
C LEU A 215 2.65 6.92 47.35
N THR A 216 2.61 7.71 48.41
CA THR A 216 2.66 9.17 48.32
C THR A 216 3.70 9.83 49.25
N TRP A 217 4.13 11.04 48.90
CA TRP A 217 5.03 11.85 49.68
C TRP A 217 4.29 13.09 50.17
N GLN A 218 4.68 13.62 51.32
CA GLN A 218 4.07 14.79 51.91
C GLN A 218 5.16 15.65 52.55
N ARG A 219 4.99 16.95 52.53
CA ARG A 219 5.91 17.86 53.18
C ARG A 219 5.04 18.55 54.22
N ASP A 220 5.34 18.34 55.49
CA ASP A 220 4.54 18.92 56.57
C ASP A 220 3.09 18.44 56.52
N GLY A 221 2.89 17.20 56.12
CA GLY A 221 1.55 16.67 56.00
C GLY A 221 0.87 17.12 54.72
N GLU A 222 1.38 18.15 54.06
CA GLU A 222 0.82 18.65 52.82
C GLU A 222 1.24 17.67 51.73
N ASP A 223 0.32 17.29 50.85
CA ASP A 223 0.65 16.35 49.78
C ASP A 223 1.55 17.00 48.74
N GLN A 224 2.43 16.21 48.14
CA GLN A 224 3.37 16.69 47.15
C GLN A 224 3.15 15.98 45.82
N THR A 225 1.88 15.77 45.48
CA THR A 225 1.50 15.08 44.26
C THR A 225 2.16 15.67 43.01
N GLN A 226 2.06 16.98 42.89
CA GLN A 226 2.62 17.74 41.78
C GLN A 226 4.14 17.64 41.70
N ASP A 227 4.77 17.40 42.84
CA ASP A 227 6.22 17.37 42.93
C ASP A 227 6.85 16.00 43.12
N THR A 228 6.04 14.95 43.11
CA THR A 228 6.50 13.59 43.28
C THR A 228 6.71 12.89 41.94
N GLU A 229 7.71 12.02 41.89
CA GLU A 229 8.05 11.19 40.76
C GLU A 229 7.60 9.79 41.16
N LEU A 230 6.45 9.40 40.65
CA LEU A 230 5.86 8.11 41.00
C LEU A 230 5.87 7.25 39.74
N VAL A 231 6.45 6.07 39.84
CA VAL A 231 6.51 5.19 38.68
C VAL A 231 5.34 4.21 38.67
N GLU A 232 5.08 3.66 37.49
CA GLU A 232 4.02 2.70 37.30
C GLU A 232 4.38 1.40 38.01
N THR A 233 3.44 0.81 38.74
CA THR A 233 3.68 -0.45 39.44
C THR A 233 4.22 -1.52 38.50
N ARG A 234 5.44 -1.97 38.77
CA ARG A 234 6.13 -2.96 37.97
C ARG A 234 6.02 -4.35 38.56
N PRO A 235 5.97 -5.37 37.72
CA PRO A 235 5.93 -6.75 38.22
C PRO A 235 7.37 -7.15 38.53
N ALA A 236 7.58 -7.77 39.69
CA ALA A 236 8.92 -8.19 40.07
C ALA A 236 9.39 -9.32 39.16
N GLY A 237 8.45 -10.09 38.66
CA GLY A 237 8.75 -11.20 37.76
C GLY A 237 8.50 -12.51 38.47
N ASP A 238 8.28 -12.44 39.77
CA ASP A 238 8.06 -13.65 40.55
C ASP A 238 6.68 -13.70 41.16
N GLY A 239 5.77 -12.87 40.66
CA GLY A 239 4.42 -12.89 41.21
C GLY A 239 4.12 -11.73 42.14
N THR A 240 5.13 -10.95 42.50
CA THR A 240 4.93 -9.80 43.37
C THR A 240 5.27 -8.57 42.55
N PHE A 241 4.97 -7.38 43.09
CA PHE A 241 5.19 -6.14 42.36
C PHE A 241 6.12 -5.19 43.10
N GLN A 242 6.41 -4.06 42.45
CA GLN A 242 7.29 -3.03 42.94
C GLN A 242 6.75 -1.66 42.53
N LYS A 243 7.21 -0.62 43.19
CA LYS A 243 6.83 0.75 42.86
C LYS A 243 7.64 1.72 43.73
N TRP A 244 7.92 2.90 43.19
CA TRP A 244 8.62 3.91 43.97
C TRP A 244 8.09 5.30 43.66
N ALA A 245 8.27 6.18 44.64
CA ALA A 245 7.89 7.57 44.57
C ALA A 245 9.09 8.38 45.08
N ALA A 246 9.52 9.39 44.36
CA ALA A 246 10.68 10.17 44.75
C ALA A 246 10.39 11.67 44.78
N VAL A 247 11.09 12.41 45.62
CA VAL A 247 10.94 13.87 45.70
C VAL A 247 12.32 14.48 45.88
N VAL A 248 12.52 15.67 45.30
CA VAL A 248 13.80 16.35 45.47
C VAL A 248 13.65 17.28 46.68
N VAL A 249 14.43 16.99 47.70
CA VAL A 249 14.43 17.69 48.96
C VAL A 249 15.58 18.68 49.07
N PRO A 250 15.30 19.93 49.42
CA PRO A 250 16.38 20.88 49.64
C PRO A 250 17.10 20.42 50.91
N SER A 251 18.41 20.27 50.87
CA SER A 251 19.17 19.82 52.03
C SER A 251 18.73 20.47 53.33
N GLY A 252 18.70 19.67 54.38
CA GLY A 252 18.27 20.16 55.68
C GLY A 252 16.75 20.13 55.82
N GLN A 253 16.05 19.65 54.81
CA GLN A 253 14.61 19.56 54.85
C GLN A 253 14.06 18.15 54.82
N GLU A 254 14.93 17.14 54.83
CA GLU A 254 14.53 15.74 54.84
C GLU A 254 13.47 15.42 55.89
N GLN A 255 13.62 15.99 57.08
CA GLN A 255 12.70 15.81 58.18
C GLN A 255 11.28 16.31 57.94
N ARG A 256 11.09 17.21 56.98
CA ARG A 256 9.78 17.74 56.66
C ARG A 256 8.96 16.74 55.84
N TYR A 257 9.67 15.81 55.21
CA TYR A 257 9.05 14.85 54.33
C TYR A 257 8.76 13.47 54.93
N THR A 258 7.56 13.00 54.59
CA THR A 258 7.04 11.72 55.00
C THR A 258 6.50 10.92 53.83
N CYS A 259 6.82 9.64 53.78
CA CYS A 259 6.32 8.80 52.69
C CYS A 259 5.21 7.94 53.29
N HIS A 260 4.17 7.73 52.51
CA HIS A 260 3.03 6.95 53.01
C HIS A 260 2.70 5.82 52.05
N VAL A 261 2.57 4.64 52.64
CA VAL A 261 2.28 3.41 51.94
C VAL A 261 0.94 2.82 52.42
N GLN A 262 0.06 2.52 51.46
CA GLN A 262 -1.23 1.92 51.75
C GLN A 262 -1.34 0.68 50.89
N HIS A 263 -1.63 -0.45 51.52
CA HIS A 263 -1.72 -1.72 50.83
C HIS A 263 -2.60 -2.67 51.63
N GLU A 264 -3.33 -3.55 50.96
CA GLU A 264 -4.21 -4.52 51.59
C GLU A 264 -3.56 -5.38 52.66
N GLY A 265 -2.33 -5.82 52.41
CA GLY A 265 -1.62 -6.65 53.37
C GLY A 265 -0.89 -5.85 54.45
N LEU A 266 -1.26 -4.60 54.64
CA LEU A 266 -0.64 -3.71 55.62
C LEU A 266 -1.67 -3.50 56.72
N PRO A 267 -1.38 -3.97 57.93
CA PRO A 267 -2.28 -3.86 59.08
C PRO A 267 -2.74 -2.44 59.35
N LYS A 268 -1.85 -1.48 59.18
CA LYS A 268 -2.09 -0.06 59.37
C LYS A 268 -1.11 0.63 58.42
N PRO A 269 -1.56 1.62 57.66
CA PRO A 269 -0.76 2.36 56.69
C PRO A 269 0.56 2.81 57.29
N LEU A 270 1.59 2.94 56.44
CA LEU A 270 2.90 3.35 56.92
C LEU A 270 3.18 4.82 56.65
N THR A 271 3.94 5.42 57.55
CA THR A 271 4.37 6.80 57.42
C THR A 271 5.86 6.76 57.75
N LEU A 272 6.67 6.89 56.72
CA LEU A 272 8.12 6.84 56.83
C LEU A 272 8.65 8.27 56.75
N ARG A 273 9.68 8.57 57.51
CA ARG A 273 10.25 9.91 57.54
C ARG A 273 11.76 9.65 57.52
N TRP A 274 12.51 10.46 56.80
CA TRP A 274 13.94 10.31 56.80
C TRP A 274 14.51 10.96 58.05
N GLU A 275 15.16 10.13 58.87
CA GLU A 275 15.71 10.61 60.13
C GLU A 275 16.80 9.65 60.65
N MET B 1 -3.91 5.70 12.68
CA MET B 1 -4.34 4.78 13.78
C MET B 1 -3.56 5.12 15.06
N ILE B 2 -4.10 4.69 16.18
CA ILE B 2 -3.49 4.93 17.48
C ILE B 2 -2.09 4.34 17.57
N GLN B 3 -1.16 5.15 18.06
CA GLN B 3 0.23 4.75 18.22
C GLN B 3 0.67 5.31 19.57
N ARG B 4 0.63 4.49 20.62
CA ARG B 4 1.04 4.96 21.94
C ARG B 4 2.50 4.59 22.21
N THR B 5 3.21 5.46 22.90
CA THR B 5 4.61 5.23 23.22
C THR B 5 4.79 4.42 24.51
N PRO B 6 5.66 3.41 24.49
CA PRO B 6 5.95 2.56 25.63
C PRO B 6 6.80 3.22 26.70
N LYS B 7 6.40 3.00 27.94
CA LYS B 7 7.12 3.51 29.10
C LYS B 7 8.10 2.39 29.43
N ILE B 8 9.33 2.75 29.75
CA ILE B 8 10.34 1.73 30.01
C ILE B 8 10.85 1.76 31.44
N GLN B 9 10.93 0.58 32.05
CA GLN B 9 11.45 0.45 33.40
C GLN B 9 12.42 -0.72 33.47
N VAL B 10 13.68 -0.41 33.63
CA VAL B 10 14.73 -1.42 33.75
C VAL B 10 15.10 -1.47 35.23
N TYR B 11 14.84 -2.62 35.83
CA TYR B 11 15.05 -2.87 37.25
C TYR B 11 15.40 -4.34 37.46
N SER B 12 15.60 -4.73 38.70
CA SER B 12 15.90 -6.11 39.03
C SER B 12 14.84 -6.61 40.01
N ARG B 13 14.65 -7.93 40.04
CA ARG B 13 13.66 -8.55 40.92
C ARG B 13 13.96 -8.24 42.39
N HIS B 14 15.17 -8.55 42.81
CA HIS B 14 15.58 -8.34 44.19
C HIS B 14 16.61 -7.22 44.22
N PRO B 15 16.82 -6.60 45.37
CA PRO B 15 17.81 -5.54 45.50
C PRO B 15 19.19 -6.03 45.06
N ALA B 16 19.82 -5.28 44.17
CA ALA B 16 21.11 -5.64 43.63
C ALA B 16 22.23 -5.72 44.66
N GLU B 17 22.76 -6.93 44.81
CA GLU B 17 23.86 -7.24 45.71
C GLU B 17 24.88 -7.97 44.83
N ASN B 18 26.02 -7.34 44.63
CA ASN B 18 27.04 -7.92 43.76
C ASN B 18 27.42 -9.34 44.15
N GLY B 19 27.61 -10.18 43.13
CA GLY B 19 27.98 -11.57 43.35
C GLY B 19 26.78 -12.48 43.58
N LYS B 20 25.61 -11.91 43.82
CA LYS B 20 24.39 -12.67 44.03
C LYS B 20 23.48 -12.71 42.80
N SER B 21 22.98 -13.89 42.48
CA SER B 21 22.11 -14.11 41.33
C SER B 21 20.79 -13.35 41.47
N ASN B 22 20.27 -12.86 40.36
CA ASN B 22 19.05 -12.06 40.37
C ASN B 22 18.44 -12.15 38.97
N PHE B 23 17.51 -11.26 38.68
CA PHE B 23 16.85 -11.17 37.39
C PHE B 23 16.80 -9.70 36.98
N LEU B 24 17.22 -9.40 35.76
CA LEU B 24 17.21 -8.06 35.24
C LEU B 24 15.92 -7.99 34.44
N ASN B 25 15.08 -7.04 34.79
CA ASN B 25 13.79 -6.86 34.15
C ASN B 25 13.74 -5.57 33.34
N CYS B 26 12.89 -5.56 32.34
CA CYS B 26 12.65 -4.40 31.51
C CYS B 26 11.15 -4.46 31.24
N TYR B 27 10.40 -3.62 31.94
CA TYR B 27 8.96 -3.59 31.80
C TYR B 27 8.55 -2.50 30.82
N VAL B 28 7.94 -2.92 29.71
CA VAL B 28 7.45 -1.99 28.70
C VAL B 28 5.92 -2.05 28.70
N SER B 29 5.29 -0.89 28.76
CA SER B 29 3.84 -0.79 28.82
C SER B 29 3.32 0.51 28.25
N GLY B 30 1.99 0.58 28.11
CA GLY B 30 1.33 1.77 27.60
C GLY B 30 1.51 2.01 26.11
N PHE B 31 2.01 1.03 25.36
CA PHE B 31 2.23 1.20 23.94
C PHE B 31 1.16 0.61 23.03
N HIS B 32 1.21 1.07 21.78
CA HIS B 32 0.26 0.55 20.80
C HIS B 32 0.75 1.02 19.45
N PRO B 33 0.81 0.11 18.48
CA PRO B 33 0.45 -1.29 18.52
C PRO B 33 1.36 -2.22 19.31
N SER B 34 1.08 -3.53 19.27
CA SER B 34 1.84 -4.54 19.99
C SER B 34 3.26 -4.79 19.51
N ASP B 35 3.56 -4.48 18.26
CA ASP B 35 4.90 -4.66 17.73
C ASP B 35 5.86 -3.78 18.54
N ILE B 36 6.96 -4.38 18.97
CA ILE B 36 7.96 -3.67 19.77
C ILE B 36 9.18 -4.56 19.89
N GLU B 37 10.35 -4.00 19.71
CA GLU B 37 11.61 -4.72 19.84
C GLU B 37 12.21 -4.30 21.17
N VAL B 38 12.35 -5.22 22.10
CA VAL B 38 12.94 -4.92 23.40
C VAL B 38 14.16 -5.81 23.57
N ASP B 39 15.27 -5.24 24.01
CA ASP B 39 16.49 -5.99 24.24
C ASP B 39 17.14 -5.61 25.56
N LEU B 40 17.81 -6.55 26.18
CA LEU B 40 18.54 -6.28 27.41
C LEU B 40 20.01 -6.32 27.02
N LEU B 41 20.80 -5.35 27.46
CA LEU B 41 22.21 -5.27 27.09
C LEU B 41 23.16 -5.30 28.29
N LYS B 42 24.28 -6.01 28.13
CA LYS B 42 25.31 -6.08 29.16
C LYS B 42 26.55 -5.46 28.55
N ASN B 43 26.95 -4.31 29.09
CA ASN B 43 28.11 -3.58 28.61
C ASN B 43 28.02 -3.32 27.11
N GLY B 44 26.80 -3.05 26.64
CA GLY B 44 26.57 -2.77 25.25
C GLY B 44 26.16 -3.93 24.37
N GLU B 45 26.39 -5.15 24.82
CA GLU B 45 26.04 -6.35 24.05
C GLU B 45 24.67 -6.91 24.38
N ARG B 46 23.91 -7.19 23.32
CA ARG B 46 22.57 -7.75 23.48
C ARG B 46 22.64 -9.16 24.07
N ILE B 47 21.89 -9.38 25.14
CA ILE B 47 21.82 -10.65 25.83
C ILE B 47 20.91 -11.61 25.07
N GLU B 48 21.40 -12.83 24.82
CA GLU B 48 20.69 -13.84 24.05
C GLU B 48 19.48 -14.49 24.72
N LYS B 49 19.64 -15.05 25.91
CA LYS B 49 18.53 -15.71 26.59
C LYS B 49 17.74 -14.69 27.39
N VAL B 50 16.81 -14.01 26.73
CA VAL B 50 15.98 -13.02 27.40
C VAL B 50 14.54 -13.43 27.14
N GLU B 51 13.75 -13.57 28.19
CA GLU B 51 12.37 -13.97 27.98
C GLU B 51 11.45 -12.79 28.18
N HIS B 52 10.17 -12.99 27.89
CA HIS B 52 9.20 -11.94 28.08
C HIS B 52 7.88 -12.58 28.46
N SER B 53 7.03 -11.80 29.14
CA SER B 53 5.72 -12.29 29.54
C SER B 53 4.82 -12.42 28.32
N ASP B 54 3.64 -12.98 28.55
CA ASP B 54 2.67 -13.17 27.47
C ASP B 54 1.97 -11.84 27.20
N LEU B 55 1.86 -11.49 25.94
CA LEU B 55 1.23 -10.24 25.56
C LEU B 55 -0.17 -10.06 26.13
N SER B 56 -0.31 -9.02 26.95
CA SER B 56 -1.59 -8.66 27.54
C SER B 56 -1.64 -7.13 27.50
N PHE B 57 -2.75 -6.56 27.93
CA PHE B 57 -2.99 -5.13 27.91
C PHE B 57 -3.82 -4.65 29.09
N SER B 58 -3.87 -3.34 29.30
CA SER B 58 -4.62 -2.74 30.40
C SER B 58 -6.04 -2.34 29.96
N LYS B 59 -6.81 -1.72 30.85
CA LYS B 59 -8.17 -1.31 30.54
C LYS B 59 -8.30 -0.31 29.40
N ASP B 60 -7.22 0.38 29.06
CA ASP B 60 -7.17 1.30 27.95
C ASP B 60 -6.61 0.68 26.69
N TRP B 61 -6.53 -0.65 26.66
CA TRP B 61 -6.06 -1.44 25.54
C TRP B 61 -4.56 -1.31 25.25
N SER B 62 -3.85 -0.54 26.05
CA SER B 62 -2.41 -0.39 25.87
C SER B 62 -1.72 -1.67 26.33
N PHE B 63 -0.77 -2.12 25.53
CA PHE B 63 -0.06 -3.36 25.85
C PHE B 63 1.01 -3.25 26.92
N TYR B 64 1.45 -4.39 27.43
CA TYR B 64 2.50 -4.45 28.43
C TYR B 64 3.14 -5.83 28.41
N LEU B 65 4.46 -5.86 28.52
CA LEU B 65 5.24 -7.09 28.51
C LEU B 65 6.41 -6.92 29.47
N LEU B 66 6.87 -8.04 30.01
CA LEU B 66 8.02 -8.02 30.91
C LEU B 66 9.11 -8.84 30.26
N TYR B 67 10.24 -8.20 29.97
CA TYR B 67 11.39 -8.92 29.42
C TYR B 67 12.32 -9.12 30.61
N TYR B 68 12.79 -10.33 30.79
CA TYR B 68 13.65 -10.65 31.92
C TYR B 68 14.72 -11.70 31.58
N THR B 69 15.80 -11.64 32.35
CA THR B 69 16.90 -12.58 32.19
C THR B 69 17.62 -12.72 33.54
N GLU B 70 18.21 -13.88 33.78
CA GLU B 70 18.94 -14.12 35.01
C GLU B 70 20.30 -13.43 34.94
N PHE B 71 20.68 -12.73 35.99
CA PHE B 71 21.97 -12.06 36.00
C PHE B 71 22.48 -11.93 37.44
N THR B 72 23.78 -11.74 37.55
CA THR B 72 24.43 -11.57 38.85
C THR B 72 25.12 -10.20 38.80
N PRO B 73 24.51 -9.19 39.41
CA PRO B 73 25.10 -7.85 39.41
C PRO B 73 26.56 -7.85 39.83
N THR B 74 27.30 -6.88 39.33
CA THR B 74 28.70 -6.70 39.62
C THR B 74 28.93 -5.22 39.87
N GLU B 75 29.99 -4.89 40.60
CA GLU B 75 30.33 -3.52 40.90
C GLU B 75 30.56 -2.71 39.63
N LYS B 76 31.13 -3.36 38.61
CA LYS B 76 31.44 -2.66 37.38
C LYS B 76 30.66 -2.97 36.12
N ASP B 77 29.71 -3.91 36.18
CA ASP B 77 28.90 -4.23 35.01
C ASP B 77 27.73 -3.28 34.82
N GLU B 78 27.54 -2.84 33.59
CA GLU B 78 26.47 -1.93 33.22
C GLU B 78 25.44 -2.64 32.36
N TYR B 79 24.17 -2.45 32.69
CA TYR B 79 23.07 -3.07 31.97
C TYR B 79 22.10 -1.99 31.50
N ALA B 80 21.40 -2.26 30.40
CA ALA B 80 20.44 -1.31 29.86
C ALA B 80 19.35 -2.04 29.11
N CYS B 81 18.29 -1.32 28.76
CA CYS B 81 17.21 -1.89 27.97
C CYS B 81 17.13 -1.02 26.72
N ARG B 82 17.09 -1.64 25.55
CA ARG B 82 16.94 -0.90 24.32
C ARG B 82 15.60 -1.30 23.73
N VAL B 83 14.74 -0.32 23.48
CA VAL B 83 13.41 -0.57 22.96
C VAL B 83 13.17 0.18 21.66
N ASN B 84 12.40 -0.41 20.76
CA ASN B 84 12.08 0.26 19.50
C ASN B 84 10.61 0.02 19.21
N HIS B 85 9.96 1.03 18.67
CA HIS B 85 8.53 1.01 18.39
C HIS B 85 8.28 2.01 17.28
N VAL B 86 7.15 1.93 16.58
CA VAL B 86 6.81 2.88 15.53
C VAL B 86 6.83 4.33 16.01
N THR B 87 6.60 4.52 17.30
CA THR B 87 6.58 5.84 17.89
C THR B 87 7.95 6.31 18.35
N LEU B 88 9.00 5.63 17.95
CA LEU B 88 10.35 5.99 18.34
C LEU B 88 11.19 6.08 17.07
N SER B 89 11.68 7.28 16.77
CA SER B 89 12.51 7.48 15.58
C SER B 89 13.78 6.64 15.69
N GLN B 90 14.26 6.47 16.92
CA GLN B 90 15.44 5.67 17.20
C GLN B 90 15.21 4.85 18.48
N PRO B 91 15.85 3.69 18.58
CA PRO B 91 15.72 2.83 19.73
C PRO B 91 16.08 3.51 21.05
N LYS B 92 15.10 3.64 21.94
CA LYS B 92 15.32 4.27 23.23
C LYS B 92 16.09 3.37 24.17
N ILE B 93 17.19 3.88 24.69
CA ILE B 93 18.05 3.14 25.61
C ILE B 93 18.00 3.67 27.04
N VAL B 94 17.45 2.87 27.94
CA VAL B 94 17.33 3.24 29.34
C VAL B 94 18.34 2.42 30.12
N LYS B 95 19.26 3.07 30.81
CA LYS B 95 20.28 2.35 31.57
C LYS B 95 19.71 1.88 32.89
N TRP B 96 20.27 0.79 33.39
CA TRP B 96 19.83 0.24 34.66
C TRP B 96 20.58 1.01 35.74
N ASP B 97 19.83 1.50 36.71
CA ASP B 97 20.39 2.21 37.84
C ASP B 97 19.81 1.44 39.01
N ARG B 98 20.64 0.75 39.77
CA ARG B 98 20.15 -0.03 40.89
C ARG B 98 19.32 0.74 41.91
N ASP B 99 19.37 2.07 41.89
CA ASP B 99 18.61 2.91 42.79
C ASP B 99 17.23 3.28 42.27
N MET B 100 16.85 2.71 41.13
CA MET B 100 15.57 2.94 40.47
C MET B 100 14.99 1.64 39.93
N ALA C 1 -12.27 -20.34 33.43
CA ALA C 1 -12.57 -21.06 32.16
C ALA C 1 -13.27 -20.12 31.18
N LEU C 2 -13.02 -20.34 29.91
CA LEU C 2 -13.56 -19.54 28.82
C LEU C 2 -15.04 -19.69 28.58
N TRP C 3 -15.62 -18.67 27.92
CA TRP C 3 -17.01 -18.67 27.52
C TRP C 3 -17.18 -19.71 26.40
N GLY C 4 -18.31 -20.42 26.43
CA GLY C 4 -18.59 -21.45 25.46
C GLY C 4 -19.33 -21.03 24.21
N PHE C 5 -19.84 -19.81 24.16
CA PHE C 5 -20.54 -19.30 22.99
C PHE C 5 -19.52 -18.38 22.34
N PHE C 6 -19.48 -18.32 21.01
CA PHE C 6 -18.49 -17.51 20.32
C PHE C 6 -19.06 -16.52 19.33
N PRO C 7 -19.33 -15.29 19.75
CA PRO C 7 -19.87 -14.25 18.88
C PRO C 7 -18.92 -13.62 17.89
N VAL C 8 -19.48 -13.10 16.78
CA VAL C 8 -18.69 -12.43 15.77
C VAL C 8 -19.20 -11.00 15.58
N LEU C 9 -18.28 -10.07 15.36
CA LEU C 9 -18.63 -8.69 15.11
C LEU C 9 -19.31 -8.60 13.74
N GLY D 1 17.42 10.52 -45.35
CA GLY D 1 16.52 9.54 -44.68
C GLY D 1 15.15 9.59 -45.33
N SER D 2 14.48 8.45 -45.38
CA SER D 2 13.14 8.38 -45.96
C SER D 2 12.16 9.08 -45.04
N HIS D 3 11.10 9.64 -45.62
CA HIS D 3 10.09 10.35 -44.84
C HIS D 3 8.70 9.93 -45.28
N SER D 4 7.71 10.26 -44.47
CA SER D 4 6.34 9.88 -44.80
C SER D 4 5.38 10.91 -44.25
N MET D 5 4.17 10.93 -44.79
CA MET D 5 3.10 11.79 -44.31
C MET D 5 1.85 10.93 -44.26
N ARG D 6 1.17 10.87 -43.11
CA ARG D 6 -0.02 10.04 -42.98
C ARG D 6 -1.18 10.75 -42.29
N TYR D 7 -2.39 10.41 -42.74
CA TYR D 7 -3.60 10.95 -42.14
C TYR D 7 -4.40 9.76 -41.61
N PHE D 8 -4.69 9.80 -40.31
CA PHE D 8 -5.44 8.75 -39.65
C PHE D 8 -6.80 9.32 -39.27
N PHE D 9 -7.85 8.55 -39.55
CA PHE D 9 -9.21 8.97 -39.29
C PHE D 9 -10.02 7.92 -38.53
N THR D 10 -10.66 8.31 -37.44
CA THR D 10 -11.47 7.37 -36.66
C THR D 10 -12.87 7.91 -36.45
N SER D 11 -13.87 7.10 -36.78
CA SER D 11 -15.26 7.47 -36.58
C SER D 11 -15.94 6.34 -35.82
N VAL D 12 -16.67 6.68 -34.77
CA VAL D 12 -17.37 5.72 -33.93
C VAL D 12 -18.83 6.14 -33.83
N SER D 13 -19.77 5.22 -34.04
CA SER D 13 -21.18 5.59 -33.94
C SER D 13 -21.62 5.62 -32.50
N ARG D 14 -22.44 6.62 -32.17
CA ARG D 14 -22.98 6.77 -30.83
C ARG D 14 -24.50 6.69 -30.90
N PRO D 15 -25.05 5.51 -31.12
CA PRO D 15 -26.49 5.27 -31.24
C PRO D 15 -27.32 5.87 -30.12
N GLY D 16 -28.11 6.88 -30.46
CA GLY D 16 -28.95 7.55 -29.48
C GLY D 16 -28.16 8.49 -28.59
N ARG D 17 -26.94 8.82 -28.99
CA ARG D 17 -26.08 9.70 -28.23
C ARG D 17 -25.48 10.77 -29.15
N GLY D 18 -26.19 11.04 -30.24
CA GLY D 18 -25.74 12.05 -31.19
C GLY D 18 -25.10 11.49 -32.43
N GLU D 19 -24.46 12.36 -33.20
CA GLU D 19 -23.77 11.95 -34.42
C GLU D 19 -22.45 11.27 -34.06
N PRO D 20 -21.94 10.43 -34.94
CA PRO D 20 -20.68 9.75 -34.74
C PRO D 20 -19.53 10.71 -34.40
N ARG D 21 -18.63 10.22 -33.56
CA ARG D 21 -17.46 10.97 -33.13
C ARG D 21 -16.35 10.80 -34.16
N PHE D 22 -15.88 11.90 -34.74
CA PHE D 22 -14.82 11.85 -35.75
C PHE D 22 -13.54 12.46 -35.22
N ILE D 23 -12.44 11.75 -35.32
CA ILE D 23 -11.15 12.28 -34.87
C ILE D 23 -10.14 12.13 -36.00
N ALA D 24 -9.61 13.26 -36.45
CA ALA D 24 -8.62 13.25 -37.52
C ALA D 24 -7.29 13.83 -37.04
N VAL D 25 -6.22 13.10 -37.29
CA VAL D 25 -4.87 13.50 -36.95
C VAL D 25 -3.98 13.31 -38.17
N GLY D 26 -2.94 14.12 -38.29
CA GLY D 26 -2.02 14.03 -39.42
C GLY D 26 -0.60 13.95 -38.86
N TYR D 27 0.24 13.15 -39.49
CA TYR D 27 1.62 12.97 -39.06
C TYR D 27 2.60 13.08 -40.22
N VAL D 28 3.74 13.60 -39.88
CA VAL D 28 4.93 13.66 -40.74
C VAL D 28 6.00 12.91 -39.96
N ASP D 29 6.28 11.72 -40.41
CA ASP D 29 7.18 10.85 -39.68
C ASP D 29 6.49 10.56 -38.34
N ASP D 30 7.19 10.77 -37.22
CA ASP D 30 6.62 10.50 -35.91
C ASP D 30 6.14 11.76 -35.21
N THR D 31 5.97 12.83 -35.97
CA THR D 31 5.51 14.11 -35.45
C THR D 31 4.09 14.45 -35.93
N GLN D 32 3.16 14.58 -35.00
CA GLN D 32 1.79 14.94 -35.35
C GLN D 32 1.80 16.44 -35.63
N PHE D 33 1.10 16.86 -36.69
CA PHE D 33 1.12 18.30 -36.99
C PHE D 33 -0.24 19.00 -36.96
N VAL D 34 -1.34 18.28 -37.15
CA VAL D 34 -2.68 18.84 -37.14
C VAL D 34 -3.68 17.92 -36.46
N ARG D 35 -4.90 18.40 -36.23
CA ARG D 35 -5.96 17.60 -35.63
C ARG D 35 -7.32 18.25 -35.85
N PHE D 36 -8.35 17.43 -35.79
CA PHE D 36 -9.73 17.84 -35.91
C PHE D 36 -10.48 16.86 -35.02
N ASP D 37 -11.56 17.31 -34.42
CA ASP D 37 -12.35 16.45 -33.55
C ASP D 37 -13.77 16.95 -33.68
N SER D 38 -14.71 16.05 -33.98
CA SER D 38 -16.11 16.41 -34.13
C SER D 38 -16.66 17.00 -32.84
N ASP D 39 -16.21 16.49 -31.69
CA ASP D 39 -16.63 16.98 -30.40
C ASP D 39 -15.91 18.26 -29.98
N ALA D 40 -15.12 18.83 -30.88
CA ALA D 40 -14.37 20.03 -30.61
C ALA D 40 -15.24 21.27 -30.67
N ALA D 41 -14.85 22.26 -29.88
CA ALA D 41 -15.58 23.54 -29.82
C ALA D 41 -15.36 24.35 -31.09
N SER D 42 -14.12 24.39 -31.56
CA SER D 42 -13.73 25.15 -32.73
C SER D 42 -14.31 24.68 -34.05
N GLN D 43 -14.38 23.37 -34.24
CA GLN D 43 -14.84 22.82 -35.50
C GLN D 43 -13.90 23.32 -36.59
N ARG D 44 -12.60 23.24 -36.30
CA ARG D 44 -11.56 23.68 -37.20
C ARG D 44 -10.38 22.74 -37.11
N MET D 45 -9.64 22.66 -38.20
CA MET D 45 -8.41 21.90 -38.23
C MET D 45 -7.40 22.71 -37.43
N GLU D 46 -6.94 22.12 -36.37
CA GLU D 46 -6.01 22.83 -35.48
C GLU D 46 -4.59 22.32 -35.62
N PRO D 47 -3.60 23.17 -35.37
CA PRO D 47 -2.20 22.77 -35.45
C PRO D 47 -1.78 22.07 -34.19
N ARG D 48 -0.84 21.14 -34.31
CA ARG D 48 -0.35 20.37 -33.18
C ARG D 48 1.18 20.38 -33.16
N ALA D 49 1.75 21.18 -34.05
CA ALA D 49 3.20 21.33 -34.15
C ALA D 49 3.48 22.79 -34.48
N PRO D 50 4.47 23.37 -33.82
CA PRO D 50 4.87 24.75 -34.01
C PRO D 50 5.04 25.14 -35.46
N TRP D 51 5.85 24.37 -36.19
CA TRP D 51 6.11 24.64 -37.59
C TRP D 51 4.88 24.76 -38.49
N ILE D 52 3.78 24.11 -38.16
CA ILE D 52 2.60 24.22 -39.03
C ILE D 52 1.77 25.45 -38.69
N GLU D 53 2.01 26.04 -37.51
CA GLU D 53 1.32 27.24 -37.08
C GLU D 53 1.70 28.45 -37.92
N GLN D 54 2.73 28.31 -38.74
CA GLN D 54 3.23 29.31 -39.63
C GLN D 54 2.43 29.37 -40.94
N GLU D 55 1.48 28.45 -41.10
CA GLU D 55 0.65 28.42 -42.29
C GLU D 55 -0.41 29.50 -42.16
N GLY D 56 -0.82 30.05 -43.30
CA GLY D 56 -1.81 31.12 -43.28
C GLY D 56 -3.24 30.65 -43.09
N PRO D 57 -4.18 31.59 -43.09
CA PRO D 57 -5.62 31.41 -42.98
C PRO D 57 -6.15 30.55 -44.10
N GLU D 58 -5.54 30.70 -45.27
CA GLU D 58 -5.94 29.93 -46.44
C GLU D 58 -5.79 28.45 -46.12
N TYR D 59 -4.63 28.06 -45.63
CA TYR D 59 -4.32 26.69 -45.28
C TYR D 59 -5.26 26.12 -44.22
N TRP D 60 -5.47 26.92 -43.18
CA TRP D 60 -6.34 26.47 -42.09
C TRP D 60 -7.80 26.40 -42.50
N ASP D 61 -8.21 27.30 -43.40
CA ASP D 61 -9.58 27.30 -43.87
C ASP D 61 -9.81 26.13 -44.81
N GLY D 62 -8.81 25.83 -45.63
CA GLY D 62 -8.95 24.74 -46.58
C GLY D 62 -8.93 23.38 -45.94
N GLU D 63 -8.05 23.21 -44.95
CA GLU D 63 -7.95 21.94 -44.25
C GLU D 63 -9.20 21.69 -43.43
N THR D 64 -9.73 22.76 -42.83
CA THR D 64 -10.96 22.68 -42.06
C THR D 64 -12.10 22.28 -42.96
N ARG D 65 -12.18 22.88 -44.14
CA ARG D 65 -13.21 22.57 -45.12
C ARG D 65 -13.10 21.11 -45.54
N LYS D 66 -11.88 20.68 -45.90
CA LYS D 66 -11.67 19.32 -46.35
C LYS D 66 -11.83 18.26 -45.27
N VAL D 67 -11.39 18.53 -44.03
CA VAL D 67 -11.52 17.58 -42.93
C VAL D 67 -12.95 17.39 -42.46
N LYS D 68 -13.74 18.46 -42.46
CA LYS D 68 -15.15 18.35 -42.10
C LYS D 68 -15.81 17.47 -43.15
N ALA D 69 -15.38 17.62 -44.41
CA ALA D 69 -15.89 16.85 -45.53
C ALA D 69 -15.64 15.35 -45.31
N HIS D 70 -14.44 15.02 -44.82
CA HIS D 70 -14.07 13.65 -44.51
C HIS D 70 -14.95 13.16 -43.37
N SER D 71 -15.21 14.07 -42.44
CA SER D 71 -16.05 13.77 -41.30
C SER D 71 -17.40 13.26 -41.78
N GLN D 72 -18.06 14.07 -42.61
CA GLN D 72 -19.37 13.73 -43.16
C GLN D 72 -19.31 12.39 -43.88
N THR D 73 -18.33 12.25 -44.76
CA THR D 73 -18.11 11.02 -45.50
C THR D 73 -18.11 9.81 -44.59
N HIS D 74 -17.48 9.93 -43.42
CA HIS D 74 -17.42 8.82 -42.48
C HIS D 74 -18.69 8.63 -41.69
N ARG D 75 -19.54 9.64 -41.64
CA ARG D 75 -20.85 9.56 -41.00
C ARG D 75 -21.73 8.72 -41.92
N VAL D 76 -21.57 8.95 -43.22
CA VAL D 76 -22.30 8.19 -44.23
C VAL D 76 -21.82 6.74 -44.20
N ASP D 77 -20.50 6.57 -44.21
CA ASP D 77 -19.88 5.24 -44.21
C ASP D 77 -20.32 4.34 -43.08
N LEU D 78 -20.57 4.88 -41.89
CA LEU D 78 -21.01 4.03 -40.79
C LEU D 78 -22.36 3.41 -41.13
N GLY D 79 -23.29 4.24 -41.62
CA GLY D 79 -24.59 3.76 -42.04
C GLY D 79 -24.46 2.73 -43.17
N THR D 80 -23.62 3.05 -44.15
CA THR D 80 -23.41 2.17 -45.29
C THR D 80 -22.95 0.76 -44.94
N LEU D 81 -21.90 0.61 -44.13
CA LEU D 81 -21.40 -0.69 -43.76
C LEU D 81 -22.39 -1.43 -42.90
N ARG D 82 -23.05 -0.67 -42.02
CA ARG D 82 -24.09 -1.21 -41.15
C ARG D 82 -25.09 -1.93 -42.05
N GLY D 83 -25.42 -1.28 -43.16
CA GLY D 83 -26.30 -1.87 -44.15
C GLY D 83 -25.68 -3.10 -44.80
N TYR D 84 -24.45 -2.98 -45.30
CA TYR D 84 -23.72 -4.07 -45.91
C TYR D 84 -23.65 -5.32 -45.03
N TYR D 85 -23.69 -5.13 -43.71
CA TYR D 85 -23.58 -6.24 -42.80
C TYR D 85 -24.84 -6.59 -42.04
N ASN D 86 -25.93 -5.94 -42.41
CA ASN D 86 -27.22 -6.19 -41.78
C ASN D 86 -27.05 -6.12 -40.26
N GLN D 87 -26.61 -4.94 -39.81
CA GLN D 87 -26.35 -4.72 -38.39
C GLN D 87 -27.39 -3.84 -37.74
N SER D 88 -27.54 -4.02 -36.43
CA SER D 88 -28.50 -3.26 -35.66
C SER D 88 -28.07 -1.80 -35.54
N GLU D 89 -29.06 -0.92 -35.51
CA GLU D 89 -28.82 0.52 -35.38
C GLU D 89 -28.40 0.88 -33.96
N ALA D 90 -28.57 -0.04 -33.02
CA ALA D 90 -28.22 0.17 -31.63
C ALA D 90 -26.73 0.03 -31.35
N GLY D 91 -26.07 -0.80 -32.15
CA GLY D 91 -24.65 -1.05 -31.98
C GLY D 91 -23.73 0.08 -32.41
N SER D 92 -22.69 0.29 -31.62
CA SER D 92 -21.67 1.28 -31.90
C SER D 92 -20.60 0.59 -32.75
N HIS D 93 -20.24 1.21 -33.87
CA HIS D 93 -19.28 0.65 -34.80
C HIS D 93 -18.17 1.65 -35.13
N THR D 94 -17.02 1.13 -35.57
CA THR D 94 -15.85 1.93 -35.84
C THR D 94 -15.35 1.78 -37.27
N VAL D 95 -15.08 2.91 -37.91
CA VAL D 95 -14.53 2.96 -39.26
C VAL D 95 -13.24 3.76 -39.10
N GLN D 96 -12.12 3.18 -39.51
CA GLN D 96 -10.86 3.90 -39.46
C GLN D 96 -10.37 3.93 -40.90
N ARG D 97 -9.71 5.01 -41.26
CA ARG D 97 -9.18 5.21 -42.60
C ARG D 97 -7.76 5.74 -42.50
N MET D 98 -6.88 5.28 -43.37
CA MET D 98 -5.50 5.79 -43.35
C MET D 98 -5.02 5.98 -44.78
N TYR D 99 -4.28 7.06 -44.98
CA TYR D 99 -3.71 7.33 -46.29
C TYR D 99 -2.49 8.24 -46.16
N GLY D 100 -1.50 8.01 -47.01
CA GLY D 100 -0.29 8.81 -46.95
C GLY D 100 0.68 8.42 -48.05
N CYS D 101 1.88 8.97 -47.97
CA CYS D 101 2.89 8.69 -48.97
C CYS D 101 4.27 8.68 -48.33
N ASP D 102 5.12 7.81 -48.84
CA ASP D 102 6.48 7.71 -48.33
C ASP D 102 7.40 8.19 -49.44
N VAL D 103 8.51 8.80 -49.05
CA VAL D 103 9.49 9.29 -50.01
C VAL D 103 10.82 8.68 -49.54
N GLY D 104 11.70 8.40 -50.49
CA GLY D 104 13.00 7.85 -50.14
C GLY D 104 13.89 8.93 -49.57
N SER D 105 15.17 8.59 -49.40
CA SER D 105 16.17 9.50 -48.89
C SER D 105 16.32 10.69 -49.84
N ASP D 106 15.99 10.45 -51.10
CA ASP D 106 16.02 11.40 -52.18
C ASP D 106 14.82 12.33 -52.27
N TRP D 107 13.81 12.12 -51.44
CA TRP D 107 12.62 12.95 -51.42
C TRP D 107 11.66 12.67 -52.56
N ARG D 108 11.88 11.62 -53.34
CA ARG D 108 10.98 11.28 -54.43
C ARG D 108 10.04 10.18 -53.92
N PHE D 109 8.89 10.05 -54.54
CA PHE D 109 7.86 9.09 -54.20
C PHE D 109 8.37 7.66 -54.05
N LEU D 110 7.87 6.94 -53.06
CA LEU D 110 8.27 5.56 -52.81
C LEU D 110 7.03 4.69 -52.74
N ARG D 111 5.97 5.18 -52.09
CA ARG D 111 4.72 4.44 -51.98
C ARG D 111 3.59 5.28 -51.38
N GLY D 112 2.36 4.90 -51.72
CA GLY D 112 1.18 5.62 -51.24
C GLY D 112 0.24 4.60 -50.62
N TYR D 113 -0.54 5.02 -49.63
CA TYR D 113 -1.43 4.14 -48.90
C TYR D 113 -2.84 4.71 -48.91
N HIS D 114 -3.82 3.85 -48.74
CA HIS D 114 -5.22 4.26 -48.68
C HIS D 114 -6.02 3.03 -48.27
N GLN D 115 -6.09 2.81 -46.96
CA GLN D 115 -6.78 1.69 -46.37
C GLN D 115 -7.95 2.11 -45.48
N TYR D 116 -8.80 1.13 -45.16
CA TYR D 116 -9.96 1.29 -44.32
C TYR D 116 -10.13 0.03 -43.48
N ALA D 117 -10.65 0.18 -42.28
CA ALA D 117 -10.92 -0.96 -41.40
C ALA D 117 -12.33 -0.74 -40.85
N TYR D 118 -13.01 -1.84 -40.55
CA TYR D 118 -14.34 -1.77 -39.97
C TYR D 118 -14.27 -2.65 -38.73
N ASP D 119 -14.43 -2.03 -37.56
CA ASP D 119 -14.36 -2.73 -36.29
C ASP D 119 -13.04 -3.49 -36.11
N GLY D 120 -11.95 -2.89 -36.63
CA GLY D 120 -10.63 -3.45 -36.52
C GLY D 120 -10.20 -4.41 -37.61
N LYS D 121 -11.14 -4.83 -38.45
CA LYS D 121 -10.83 -5.75 -39.54
C LYS D 121 -10.65 -4.96 -40.83
N ASP D 122 -9.58 -5.26 -41.55
CA ASP D 122 -9.30 -4.61 -42.84
C ASP D 122 -10.56 -4.75 -43.68
N TYR D 123 -10.95 -3.66 -44.31
CA TYR D 123 -12.11 -3.62 -45.17
C TYR D 123 -11.65 -3.57 -46.63
N ILE D 124 -11.04 -2.46 -47.02
CA ILE D 124 -10.54 -2.30 -48.38
C ILE D 124 -9.20 -1.58 -48.35
N ALA D 125 -8.32 -1.88 -49.31
CA ALA D 125 -7.01 -1.26 -49.36
C ALA D 125 -6.47 -1.12 -50.77
N LEU D 126 -5.96 0.07 -51.07
CA LEU D 126 -5.36 0.32 -52.37
C LEU D 126 -4.14 -0.59 -52.41
N LYS D 127 -3.98 -1.31 -53.50
CA LYS D 127 -2.83 -2.20 -53.66
C LYS D 127 -1.62 -1.36 -54.05
N GLU D 128 -0.41 -1.87 -53.85
CA GLU D 128 0.81 -1.15 -54.16
C GLU D 128 0.89 -0.51 -55.54
N ASP D 129 0.33 -1.14 -56.56
CA ASP D 129 0.35 -0.64 -57.92
C ASP D 129 -0.44 0.65 -58.13
N LEU D 130 -1.10 1.12 -57.09
CA LEU D 130 -1.90 2.33 -57.10
C LEU D 130 -3.03 2.29 -58.11
N ARG D 131 -3.45 1.10 -58.52
CA ARG D 131 -4.53 0.98 -59.49
C ARG D 131 -5.53 -0.09 -59.10
N SER D 132 -5.15 -0.99 -58.20
CA SER D 132 -6.06 -2.07 -57.80
C SER D 132 -6.44 -2.00 -56.32
N TRP D 133 -7.52 -2.68 -55.97
CA TRP D 133 -8.06 -2.68 -54.63
C TRP D 133 -8.26 -4.06 -54.01
N THR D 134 -7.73 -4.24 -52.80
CA THR D 134 -7.89 -5.49 -52.08
C THR D 134 -9.23 -5.40 -51.34
N ALA D 135 -10.25 -6.02 -51.91
CA ALA D 135 -11.56 -6.03 -51.27
C ALA D 135 -11.56 -7.27 -50.38
N ALA D 136 -11.68 -7.06 -49.08
CA ALA D 136 -11.66 -8.14 -48.11
C ALA D 136 -12.71 -9.22 -48.33
N ASP D 137 -13.98 -8.81 -48.41
CA ASP D 137 -15.08 -9.75 -48.56
C ASP D 137 -16.10 -9.27 -49.59
N MET D 138 -17.33 -9.78 -49.50
CA MET D 138 -18.39 -9.40 -50.42
C MET D 138 -18.77 -7.92 -50.25
N ALA D 139 -18.89 -7.49 -49.00
CA ALA D 139 -19.20 -6.10 -48.69
C ALA D 139 -18.11 -5.19 -49.24
N ALA D 140 -16.86 -5.51 -48.90
CA ALA D 140 -15.73 -4.73 -49.40
C ALA D 140 -15.64 -4.78 -50.92
N GLN D 141 -16.21 -5.81 -51.53
CA GLN D 141 -16.21 -5.94 -52.98
C GLN D 141 -17.20 -4.96 -53.59
N THR D 142 -18.32 -4.75 -52.90
CA THR D 142 -19.33 -3.79 -53.36
C THR D 142 -18.70 -2.40 -53.46
N THR D 143 -17.94 -2.03 -52.42
CA THR D 143 -17.24 -0.76 -52.39
C THR D 143 -16.20 -0.69 -53.50
N LYS D 144 -15.50 -1.79 -53.73
CA LYS D 144 -14.47 -1.86 -54.75
C LYS D 144 -15.07 -1.50 -56.11
N HIS D 145 -16.12 -2.22 -56.49
CA HIS D 145 -16.80 -2.00 -57.76
C HIS D 145 -17.23 -0.55 -57.94
N LYS D 146 -17.76 0.05 -56.88
CA LYS D 146 -18.16 1.45 -56.90
C LYS D 146 -16.97 2.33 -57.28
N TRP D 147 -15.86 2.04 -56.62
CA TRP D 147 -14.61 2.76 -56.78
C TRP D 147 -13.94 2.54 -58.11
N GLU D 148 -14.08 1.32 -58.65
CA GLU D 148 -13.48 1.01 -59.95
C GLU D 148 -14.28 1.76 -61.01
N ALA D 149 -15.59 1.81 -60.80
CA ALA D 149 -16.51 2.50 -61.68
C ALA D 149 -16.30 4.01 -61.64
N ALA D 150 -16.21 4.55 -60.43
CA ALA D 150 -16.00 5.98 -60.24
C ALA D 150 -14.56 6.40 -60.50
N HIS D 151 -13.71 5.43 -60.83
CA HIS D 151 -12.32 5.74 -61.12
C HIS D 151 -11.70 6.53 -59.96
N VAL D 152 -11.69 5.95 -58.78
CA VAL D 152 -11.14 6.56 -57.57
C VAL D 152 -9.62 6.40 -57.50
N ALA D 153 -9.10 5.25 -57.91
CA ALA D 153 -7.67 4.98 -57.85
C ALA D 153 -6.85 5.99 -58.65
N GLU D 154 -7.41 6.46 -59.76
CA GLU D 154 -6.71 7.43 -60.59
C GLU D 154 -6.56 8.79 -59.94
N GLN D 155 -7.58 9.19 -59.19
CA GLN D 155 -7.56 10.45 -58.46
C GLN D 155 -6.63 10.32 -57.25
N LEU D 156 -6.60 9.13 -56.66
CA LEU D 156 -5.72 8.87 -55.53
C LEU D 156 -4.27 8.88 -55.98
N ARG D 157 -4.00 8.18 -57.07
CA ARG D 157 -2.67 8.08 -57.65
C ARG D 157 -2.04 9.47 -57.77
N ALA D 158 -2.80 10.38 -58.37
CA ALA D 158 -2.39 11.77 -58.53
C ALA D 158 -2.11 12.45 -57.19
N TYR D 159 -2.92 12.14 -56.18
CA TYR D 159 -2.70 12.71 -54.86
C TYR D 159 -1.44 12.14 -54.22
N LEU D 160 -1.45 10.83 -54.01
CA LEU D 160 -0.34 10.10 -53.40
C LEU D 160 1.01 10.35 -54.03
N GLU D 161 1.05 10.52 -55.35
CA GLU D 161 2.27 10.77 -56.09
C GLU D 161 2.61 12.25 -56.25
N GLY D 162 1.57 13.08 -56.40
CA GLY D 162 1.78 14.51 -56.57
C GLY D 162 1.66 15.29 -55.27
N THR D 163 0.48 15.84 -55.07
CA THR D 163 0.14 16.64 -53.90
C THR D 163 0.74 16.15 -52.59
N CYS D 164 0.45 14.90 -52.23
CA CYS D 164 0.96 14.31 -51.01
C CYS D 164 2.46 14.53 -50.88
N VAL D 165 3.21 14.10 -51.88
CA VAL D 165 4.66 14.23 -51.90
C VAL D 165 5.11 15.69 -51.86
N GLU D 166 4.40 16.54 -52.59
CA GLU D 166 4.70 17.96 -52.63
C GLU D 166 4.60 18.62 -51.26
N TRP D 167 3.51 18.33 -50.54
CA TRP D 167 3.31 18.90 -49.21
C TRP D 167 4.30 18.33 -48.21
N LEU D 168 4.65 17.06 -48.40
CA LEU D 168 5.60 16.40 -47.52
C LEU D 168 6.92 17.14 -47.54
N ARG D 169 7.47 17.33 -48.73
CA ARG D 169 8.72 18.04 -48.89
C ARG D 169 8.63 19.47 -48.34
N ARG D 170 7.47 20.11 -48.51
CA ARG D 170 7.27 21.44 -47.98
C ARG D 170 7.34 21.45 -46.46
N TYR D 171 6.60 20.54 -45.84
CA TYR D 171 6.59 20.42 -44.39
C TYR D 171 8.01 20.16 -43.93
N LEU D 172 8.65 19.20 -44.59
CA LEU D 172 10.01 18.81 -44.29
C LEU D 172 10.93 20.02 -44.26
N GLU D 173 10.81 20.87 -45.28
CA GLU D 173 11.64 22.06 -45.37
C GLU D 173 11.20 23.19 -44.45
N ASN D 174 9.91 23.37 -44.22
CA ASN D 174 9.37 24.41 -43.35
C ASN D 174 9.55 24.08 -41.87
N GLY D 175 9.64 22.80 -41.56
CA GLY D 175 9.80 22.36 -40.17
C GLY D 175 11.14 21.66 -40.01
N LYS D 176 12.12 22.06 -40.81
CA LYS D 176 13.44 21.47 -40.81
C LYS D 176 14.06 21.13 -39.47
N GLU D 177 14.27 22.10 -38.61
CA GLU D 177 14.88 21.94 -37.29
C GLU D 177 14.27 20.82 -36.46
N THR D 178 12.98 20.58 -36.66
CA THR D 178 12.22 19.56 -36.00
C THR D 178 12.24 18.25 -36.76
N LEU D 179 11.62 18.27 -37.94
CA LEU D 179 11.50 17.10 -38.80
C LEU D 179 12.79 16.55 -39.37
N GLN D 180 13.74 17.43 -39.65
CA GLN D 180 15.03 16.98 -40.19
C GLN D 180 16.11 16.97 -39.12
N ARG D 181 15.79 16.38 -37.98
CA ARG D 181 16.73 16.26 -36.88
C ARG D 181 16.68 14.79 -36.47
N THR D 182 17.79 14.27 -35.99
CA THR D 182 17.75 12.92 -35.48
C THR D 182 18.42 13.09 -34.12
N ASP D 183 17.71 12.67 -33.11
CA ASP D 183 18.26 12.74 -31.76
C ASP D 183 18.73 11.33 -31.41
N ALA D 184 20.03 11.20 -31.18
CA ALA D 184 20.58 9.90 -30.77
C ALA D 184 20.10 9.62 -29.35
N PRO D 185 19.81 8.36 -29.04
CA PRO D 185 19.34 8.02 -27.70
C PRO D 185 20.39 8.17 -26.60
N LYS D 186 19.94 8.58 -25.43
CA LYS D 186 20.78 8.72 -24.25
C LYS D 186 20.63 7.38 -23.54
N THR D 187 21.66 6.54 -23.70
CA THR D 187 21.62 5.21 -23.15
C THR D 187 22.22 5.11 -21.76
N HIS D 188 21.84 4.05 -21.04
CA HIS D 188 22.37 3.79 -19.71
C HIS D 188 21.72 2.50 -19.23
N MET D 189 22.34 1.83 -18.27
CA MET D 189 21.82 0.57 -17.75
C MET D 189 21.58 0.66 -16.25
N THR D 190 20.67 -0.17 -15.75
CA THR D 190 20.39 -0.25 -14.33
C THR D 190 20.59 -1.70 -13.90
N HIS D 191 21.01 -1.86 -12.65
CA HIS D 191 21.27 -3.19 -12.12
C HIS D 191 20.53 -3.30 -10.79
N HIS D 192 19.52 -4.14 -10.75
CA HIS D 192 18.76 -4.32 -9.52
C HIS D 192 18.77 -5.78 -9.13
N ALA D 193 19.13 -6.04 -7.89
CA ALA D 193 19.16 -7.41 -7.39
C ALA D 193 17.73 -7.88 -7.21
N VAL D 194 17.38 -8.99 -7.84
CA VAL D 194 16.02 -9.53 -7.71
C VAL D 194 16.01 -10.62 -6.65
N SER D 195 17.14 -11.29 -6.49
CA SER D 195 17.30 -12.33 -5.50
C SER D 195 18.78 -12.40 -5.10
N ASP D 196 19.11 -13.36 -4.24
CA ASP D 196 20.48 -13.56 -3.80
C ASP D 196 21.32 -14.30 -4.85
N HIS D 197 20.72 -14.65 -5.98
CA HIS D 197 21.40 -15.37 -7.04
C HIS D 197 21.11 -14.87 -8.44
N GLU D 198 20.34 -13.79 -8.56
CA GLU D 198 20.00 -13.23 -9.86
C GLU D 198 19.83 -11.72 -9.78
N ALA D 199 19.93 -11.08 -10.93
CA ALA D 199 19.77 -9.63 -11.00
C ALA D 199 19.21 -9.22 -12.36
N THR D 200 18.52 -8.09 -12.36
CA THR D 200 17.95 -7.57 -13.60
C THR D 200 18.87 -6.49 -14.15
N LEU D 201 19.14 -6.61 -15.43
CA LEU D 201 20.00 -5.67 -16.15
C LEU D 201 19.08 -5.02 -17.19
N ARG D 202 18.88 -3.72 -17.07
CA ARG D 202 18.03 -3.00 -18.01
C ARG D 202 18.83 -1.99 -18.81
N CYS D 203 18.62 -2.00 -20.12
CA CYS D 203 19.35 -1.08 -21.00
C CYS D 203 18.33 -0.05 -21.46
N TRP D 204 18.67 1.21 -21.31
CA TRP D 204 17.79 2.30 -21.65
C TRP D 204 18.22 3.12 -22.85
N ALA D 205 17.24 3.52 -23.64
CA ALA D 205 17.38 4.37 -24.81
C ALA D 205 16.35 5.48 -24.60
N LEU D 206 16.80 6.70 -24.35
CA LEU D 206 15.92 7.83 -24.09
C LEU D 206 16.21 9.07 -24.95
N SER D 207 15.27 10.00 -25.03
CA SER D 207 15.40 11.24 -25.80
C SER D 207 15.86 11.06 -27.24
N PHE D 208 15.28 10.09 -27.93
CA PHE D 208 15.66 9.83 -29.31
C PHE D 208 14.57 10.12 -30.33
N TYR D 209 15.00 10.51 -31.51
CA TYR D 209 14.12 10.82 -32.64
C TYR D 209 14.90 10.52 -33.91
N PRO D 210 14.29 9.84 -34.88
CA PRO D 210 12.93 9.33 -34.90
C PRO D 210 12.75 8.12 -33.98
N ALA D 211 11.53 7.59 -33.92
CA ALA D 211 11.23 6.46 -33.06
C ALA D 211 11.85 5.13 -33.45
N GLU D 212 12.31 4.99 -34.69
CA GLU D 212 12.93 3.76 -35.14
C GLU D 212 14.21 3.48 -34.35
N ILE D 213 14.28 2.29 -33.77
CA ILE D 213 15.42 1.87 -32.97
C ILE D 213 15.45 0.34 -32.82
N THR D 214 16.64 -0.18 -32.53
CA THR D 214 16.85 -1.59 -32.27
C THR D 214 17.62 -1.64 -30.95
N LEU D 215 17.05 -2.34 -29.99
CA LEU D 215 17.65 -2.45 -28.65
C LEU D 215 17.63 -3.93 -28.30
N THR D 216 18.80 -4.56 -28.33
CA THR D 216 18.94 -5.98 -28.06
C THR D 216 20.02 -6.34 -27.02
N TRP D 217 19.85 -7.48 -26.37
CA TRP D 217 20.82 -8.01 -25.41
C TRP D 217 21.48 -9.26 -25.99
N GLN D 218 22.72 -9.51 -25.60
CA GLN D 218 23.46 -10.68 -26.06
C GLN D 218 24.30 -11.25 -24.92
N ARG D 219 24.48 -12.55 -24.87
CA ARG D 219 25.29 -13.20 -23.87
C ARG D 219 26.40 -13.90 -24.65
N ASP D 220 27.64 -13.48 -24.45
CA ASP D 220 28.81 -13.99 -25.14
C ASP D 220 28.78 -13.82 -26.65
N GLY D 221 27.97 -12.88 -27.12
CA GLY D 221 27.83 -12.66 -28.55
C GLY D 221 26.61 -13.36 -29.10
N GLU D 222 25.94 -14.16 -28.30
CA GLU D 222 24.74 -14.87 -28.70
C GLU D 222 23.53 -13.99 -28.37
N ASP D 223 22.58 -13.89 -29.28
CA ASP D 223 21.39 -13.06 -29.02
C ASP D 223 20.51 -13.71 -27.96
N GLN D 224 19.85 -12.87 -27.17
CA GLN D 224 18.98 -13.35 -26.10
C GLN D 224 17.55 -12.88 -26.34
N THR D 225 17.12 -12.93 -27.59
CA THR D 225 15.78 -12.51 -27.97
C THR D 225 14.69 -13.18 -27.14
N GLN D 226 14.77 -14.49 -27.03
CA GLN D 226 13.83 -15.30 -26.28
C GLN D 226 13.81 -14.97 -24.79
N ASP D 227 14.93 -14.47 -24.30
CA ASP D 227 15.09 -14.18 -22.88
C ASP D 227 15.11 -12.70 -22.49
N THR D 228 14.88 -11.81 -23.45
CA THR D 228 14.86 -10.38 -23.20
C THR D 228 13.42 -9.88 -22.99
N GLU D 229 13.29 -8.87 -22.14
CA GLU D 229 12.05 -8.18 -21.86
C GLU D 229 12.22 -6.83 -22.55
N LEU D 230 11.61 -6.71 -23.69
CA LEU D 230 11.71 -5.49 -24.49
C LEU D 230 10.34 -4.83 -24.50
N VAL D 231 10.27 -3.56 -24.13
CA VAL D 231 8.99 -2.86 -24.14
C VAL D 231 8.76 -2.11 -25.45
N GLU D 232 7.49 -1.78 -25.68
CA GLU D 232 7.13 -1.04 -26.88
C GLU D 232 7.65 0.39 -26.77
N THR D 233 8.22 0.92 -27.85
CA THR D 233 8.72 2.29 -27.85
C THR D 233 7.64 3.28 -27.40
N ARG D 234 7.90 3.96 -26.30
CA ARG D 234 7.00 4.93 -25.70
C ARG D 234 7.37 6.34 -26.11
N PRO D 235 6.39 7.22 -26.24
CA PRO D 235 6.66 8.62 -26.52
C PRO D 235 6.98 9.31 -25.21
N ALA D 236 8.03 10.13 -25.18
CA ALA D 236 8.41 10.81 -23.95
C ALA D 236 7.34 11.84 -23.57
N GLY D 237 6.67 12.38 -24.59
CA GLY D 237 5.65 13.38 -24.38
C GLY D 237 6.14 14.72 -24.90
N ASP D 238 7.42 14.81 -25.20
CA ASP D 238 8.01 16.06 -25.68
C ASP D 238 8.51 15.96 -27.11
N GLY D 239 8.09 14.91 -27.81
CA GLY D 239 8.54 14.75 -29.20
C GLY D 239 9.62 13.71 -29.39
N THR D 240 10.16 13.20 -28.29
CA THR D 240 11.21 12.18 -28.39
C THR D 240 10.60 10.92 -27.79
N PHE D 241 11.28 9.79 -27.95
CA PHE D 241 10.78 8.52 -27.47
C PHE D 241 11.69 7.83 -26.47
N GLN D 242 11.24 6.68 -25.97
CA GLN D 242 11.95 5.90 -24.97
C GLN D 242 11.71 4.41 -25.25
N LYS D 243 12.56 3.57 -24.69
CA LYS D 243 12.43 2.12 -24.82
C LYS D 243 13.49 1.44 -23.96
N TRP D 244 13.16 0.26 -23.46
CA TRP D 244 14.13 -0.49 -22.67
C TRP D 244 14.00 -1.99 -22.92
N ALA D 245 15.12 -2.66 -22.71
CA ALA D 245 15.28 -4.09 -22.86
C ALA D 245 15.95 -4.61 -21.59
N ALA D 246 15.39 -5.64 -20.96
CA ALA D 246 15.98 -6.16 -19.73
C ALA D 246 16.23 -7.67 -19.79
N VAL D 247 17.21 -8.15 -19.03
CA VAL D 247 17.50 -9.57 -18.98
C VAL D 247 17.85 -9.92 -17.52
N VAL D 248 17.49 -11.13 -17.10
CA VAL D 248 17.82 -11.57 -15.75
C VAL D 248 19.14 -12.33 -15.85
N VAL D 249 20.13 -11.75 -15.21
CA VAL D 249 21.49 -12.27 -15.19
C VAL D 249 21.82 -13.02 -13.91
N PRO D 250 22.36 -14.23 -14.02
CA PRO D 250 22.76 -14.96 -12.82
C PRO D 250 23.99 -14.22 -12.29
N SER D 251 23.98 -13.87 -11.01
CA SER D 251 25.09 -13.13 -10.42
C SER D 251 26.46 -13.66 -10.84
N GLY D 252 27.37 -12.72 -11.09
CA GLY D 252 28.71 -13.08 -11.55
C GLY D 252 28.76 -13.27 -13.05
N GLN D 253 27.64 -13.05 -13.74
CA GLN D 253 27.61 -13.21 -15.18
C GLN D 253 27.36 -11.90 -15.91
N GLU D 254 27.26 -10.78 -15.21
CA GLU D 254 27.03 -9.47 -15.80
C GLU D 254 27.95 -9.17 -16.99
N GLN D 255 29.21 -9.55 -16.86
CA GLN D 255 30.23 -9.36 -17.87
C GLN D 255 30.00 -10.12 -19.17
N ARG D 256 29.22 -11.18 -19.14
CA ARG D 256 28.93 -11.96 -20.34
C ARG D 256 27.95 -11.21 -21.23
N TYR D 257 27.14 -10.33 -20.64
CA TYR D 257 26.10 -9.59 -21.32
C TYR D 257 26.44 -8.21 -21.88
N THR D 258 25.98 -7.99 -23.11
CA THR D 258 26.17 -6.76 -23.85
C THR D 258 24.85 -6.26 -24.44
N CYS D 259 24.60 -4.97 -24.31
CA CYS D 259 23.37 -4.40 -24.84
C CYS D 259 23.77 -3.63 -26.08
N HIS D 260 22.94 -3.72 -27.11
CA HIS D 260 23.25 -3.06 -28.37
C HIS D 260 22.11 -2.15 -28.79
N VAL D 261 22.49 -0.93 -29.14
CA VAL D 261 21.57 0.11 -29.57
C VAL D 261 21.89 0.54 -31.01
N GLN D 262 20.88 0.54 -31.86
CA GLN D 262 20.99 0.95 -33.25
C GLN D 262 19.94 2.02 -33.50
N HIS D 263 20.38 3.18 -33.98
CA HIS D 263 19.48 4.30 -34.22
C HIS D 263 20.08 5.20 -35.30
N GLU D 264 19.24 5.83 -36.11
CA GLU D 264 19.68 6.72 -37.18
C GLU D 264 20.63 7.82 -36.76
N GLY D 265 20.39 8.42 -35.60
CA GLY D 265 21.25 9.47 -35.10
C GLY D 265 22.45 8.98 -34.31
N LEU D 266 22.83 7.74 -34.51
CA LEU D 266 23.96 7.11 -33.83
C LEU D 266 25.03 6.90 -34.90
N PRO D 267 26.17 7.58 -34.78
CA PRO D 267 27.27 7.48 -35.75
C PRO D 267 27.74 6.07 -35.97
N LYS D 268 27.79 5.31 -34.89
CA LYS D 268 28.19 3.91 -34.86
C LYS D 268 27.28 3.25 -33.82
N PRO D 269 26.78 2.05 -34.08
CA PRO D 269 25.95 1.35 -33.12
C PRO D 269 26.68 1.21 -31.79
N LEU D 270 25.94 1.13 -30.69
CA LEU D 270 26.53 0.99 -29.37
C LEU D 270 26.51 -0.43 -28.82
N THR D 271 27.52 -0.76 -28.05
CA THR D 271 27.66 -2.05 -27.41
C THR D 271 28.04 -1.72 -25.97
N LEU D 272 27.05 -1.85 -25.09
CA LEU D 272 27.22 -1.56 -23.68
C LEU D 272 27.34 -2.85 -22.88
N ARG D 273 27.88 -2.72 -21.68
CA ARG D 273 28.01 -3.89 -20.82
C ARG D 273 28.09 -3.39 -19.39
N TRP D 274 27.51 -4.16 -18.48
CA TRP D 274 27.55 -3.75 -17.09
C TRP D 274 29.00 -3.83 -16.63
N GLU D 275 29.53 -2.73 -16.16
CA GLU D 275 30.86 -2.57 -15.65
C GLU D 275 31.14 -1.17 -15.13
N MET E 1 -17.18 -8.91 -32.54
CA MET E 1 -16.25 -7.94 -33.16
C MET E 1 -14.91 -7.95 -32.41
N ILE E 2 -13.89 -7.43 -33.07
CA ILE E 2 -12.55 -7.39 -32.50
C ILE E 2 -12.50 -6.59 -31.22
N GLN E 3 -11.84 -7.15 -30.22
CA GLN E 3 -11.65 -6.51 -28.94
C GLN E 3 -10.21 -6.79 -28.50
N ARG E 4 -9.35 -5.81 -28.68
CA ARG E 4 -7.94 -6.01 -28.30
C ARG E 4 -7.69 -5.35 -26.95
N THR E 5 -6.88 -5.98 -26.12
CA THR E 5 -6.56 -5.47 -24.79
C THR E 5 -5.39 -4.49 -24.82
N PRO E 6 -5.54 -3.35 -24.14
CA PRO E 6 -4.54 -2.31 -24.08
C PRO E 6 -3.33 -2.65 -23.21
N LYS E 7 -2.15 -2.33 -23.72
CA LYS E 7 -0.92 -2.53 -22.98
C LYS E 7 -0.73 -1.23 -22.21
N ILE E 8 -0.33 -1.32 -20.96
CA ILE E 8 -0.18 -0.14 -20.13
C ILE E 8 1.25 0.14 -19.71
N GLN E 9 1.67 1.39 -19.86
CA GLN E 9 3.01 1.81 -19.46
C GLN E 9 2.94 3.13 -18.71
N VAL E 10 3.19 3.05 -17.41
CA VAL E 10 3.19 4.24 -16.55
C VAL E 10 4.65 4.58 -16.28
N TYR E 11 5.07 5.73 -16.78
CA TYR E 11 6.43 6.23 -16.69
C TYR E 11 6.43 7.73 -16.59
N SER E 12 7.61 8.33 -16.54
CA SER E 12 7.72 9.79 -16.49
C SER E 12 8.56 10.24 -17.67
N ARG E 13 8.40 11.49 -18.07
CA ARG E 13 9.14 12.04 -19.20
C ARG E 13 10.65 12.02 -18.96
N HIS E 14 11.06 12.58 -17.83
CA HIS E 14 12.48 12.65 -17.48
C HIS E 14 12.70 11.74 -16.28
N PRO E 15 13.95 11.33 -16.05
CA PRO E 15 14.27 10.50 -14.90
C PRO E 15 13.80 11.14 -13.60
N ALA E 16 13.06 10.39 -12.80
CA ALA E 16 12.50 10.88 -11.55
C ALA E 16 13.56 11.29 -10.52
N GLU E 17 13.55 12.59 -10.21
CA GLU E 17 14.42 13.20 -9.22
C GLU E 17 13.47 13.96 -8.30
N ASN E 18 13.38 13.51 -7.07
CA ASN E 18 12.48 14.12 -6.10
C ASN E 18 12.68 15.63 -5.98
N GLY E 19 11.56 16.34 -5.86
CA GLY E 19 11.59 17.78 -5.74
C GLY E 19 11.61 18.50 -7.09
N LYS E 20 11.93 17.79 -8.15
CA LYS E 20 11.96 18.35 -9.49
C LYS E 20 10.72 18.06 -10.33
N SER E 21 10.19 19.08 -11.00
CA SER E 21 8.99 18.98 -11.82
C SER E 21 9.20 18.03 -13.01
N ASN E 22 8.16 17.31 -13.38
CA ASN E 22 8.24 16.31 -14.45
C ASN E 22 6.83 16.10 -14.98
N PHE E 23 6.65 15.01 -15.71
CA PHE E 23 5.36 14.62 -16.27
C PHE E 23 5.17 13.12 -16.09
N LEU E 24 4.03 12.74 -15.51
CA LEU E 24 3.73 11.34 -15.28
C LEU E 24 2.91 10.93 -16.50
N ASN E 25 3.35 9.90 -17.19
CA ASN E 25 2.69 9.42 -18.40
C ASN E 25 2.11 8.04 -18.18
N CYS E 26 1.10 7.74 -18.97
CA CYS E 26 0.46 6.45 -18.96
C CYS E 26 0.12 6.23 -20.44
N TYR E 27 0.93 5.41 -21.08
CA TYR E 27 0.74 5.09 -22.48
C TYR E 27 -0.07 3.81 -22.63
N VAL E 28 -1.24 3.94 -23.26
CA VAL E 28 -2.13 2.81 -23.52
C VAL E 28 -2.18 2.60 -25.03
N SER E 29 -1.99 1.36 -25.46
CA SER E 29 -1.95 1.05 -26.88
C SER E 29 -2.33 -0.40 -27.14
N GLY E 30 -2.49 -0.72 -28.43
CA GLY E 30 -2.84 -2.05 -28.85
C GLY E 30 -4.28 -2.46 -28.57
N PHE E 31 -5.15 -1.51 -28.21
CA PHE E 31 -6.53 -1.85 -27.86
C PHE E 31 -7.54 -1.59 -28.96
N HIS E 32 -8.70 -2.22 -28.78
CA HIS E 32 -9.79 -2.03 -29.75
C HIS E 32 -11.03 -2.58 -29.08
N PRO E 33 -12.12 -1.84 -29.10
CA PRO E 33 -12.31 -0.53 -29.71
C PRO E 33 -11.64 0.65 -29.01
N SER E 34 -11.88 1.88 -29.49
CA SER E 34 -11.30 3.10 -28.95
C SER E 34 -11.77 3.51 -27.56
N ASP E 35 -12.96 3.08 -27.15
CA ASP E 35 -13.45 3.41 -25.81
C ASP E 35 -12.48 2.83 -24.79
N ILE E 36 -12.11 3.66 -23.82
CA ILE E 36 -11.19 3.25 -22.77
C ILE E 36 -11.18 4.35 -21.72
N GLU E 37 -11.21 3.95 -20.46
CA GLU E 37 -11.17 4.88 -19.35
C GLU E 37 -9.77 4.80 -18.75
N VAL E 38 -9.00 5.86 -18.82
CA VAL E 38 -7.64 5.86 -18.27
C VAL E 38 -7.56 6.98 -17.25
N ASP E 39 -7.02 6.68 -16.08
CA ASP E 39 -6.86 7.64 -15.00
C ASP E 39 -5.49 7.56 -14.36
N LEU E 40 -4.99 8.69 -13.92
CA LEU E 40 -3.70 8.75 -13.22
C LEU E 40 -4.05 8.97 -11.75
N LEU E 41 -3.44 8.22 -10.84
CA LEU E 41 -3.74 8.34 -9.42
C LEU E 41 -2.54 8.69 -8.56
N LYS E 42 -2.77 9.53 -7.57
CA LYS E 42 -1.74 9.93 -6.63
C LYS E 42 -2.18 9.43 -5.26
N ASN E 43 -1.45 8.46 -4.72
CA ASN E 43 -1.79 7.89 -3.43
C ASN E 43 -3.23 7.39 -3.40
N GLY E 44 -3.68 6.84 -4.53
CA GLY E 44 -5.02 6.32 -4.63
C GLY E 44 -6.10 7.24 -5.13
N GLU E 45 -5.92 8.55 -4.98
CA GLU E 45 -6.95 9.49 -5.43
C GLU E 45 -6.67 9.97 -6.85
N ARG E 46 -7.72 9.99 -7.66
CA ARG E 46 -7.67 10.41 -9.04
C ARG E 46 -7.16 11.83 -9.26
N ILE E 47 -6.33 12.00 -10.28
CA ILE E 47 -5.82 13.33 -10.60
C ILE E 47 -6.75 13.99 -11.61
N GLU E 48 -7.16 15.21 -11.31
CA GLU E 48 -8.08 15.96 -12.15
C GLU E 48 -7.58 16.48 -13.48
N LYS E 49 -6.48 17.24 -13.49
CA LYS E 49 -5.95 17.79 -14.73
C LYS E 49 -5.03 16.77 -15.39
N VAL E 50 -5.61 15.85 -16.15
CA VAL E 50 -4.82 14.84 -16.84
C VAL E 50 -5.19 14.97 -18.31
N GLU E 51 -4.20 15.11 -19.18
CA GLU E 51 -4.51 15.25 -20.59
C GLU E 51 -4.17 13.95 -21.30
N HIS E 52 -4.49 13.90 -22.59
CA HIS E 52 -4.19 12.73 -23.39
C HIS E 52 -3.96 13.20 -24.82
N SER E 53 -3.22 12.38 -25.58
CA SER E 53 -2.93 12.69 -26.98
C SER E 53 -4.18 12.50 -27.79
N ASP E 54 -4.10 12.86 -29.06
CA ASP E 54 -5.22 12.73 -29.99
C ASP E 54 -5.30 11.28 -30.44
N LEU E 55 -6.50 10.74 -30.43
CA LEU E 55 -6.70 9.35 -30.83
C LEU E 55 -6.14 9.02 -32.21
N SER E 56 -5.19 8.10 -32.23
CA SER E 56 -4.59 7.61 -33.45
C SER E 56 -4.40 6.10 -33.25
N PHE E 57 -3.94 5.42 -34.29
CA PHE E 57 -3.74 3.98 -34.26
C PHE E 57 -2.54 3.55 -35.09
N SER E 58 -2.14 2.28 -34.93
CA SER E 58 -0.99 1.74 -35.64
C SER E 58 -1.41 1.06 -36.94
N LYS E 59 -0.46 0.44 -37.65
CA LYS E 59 -0.74 -0.24 -38.91
C LYS E 59 -1.73 -1.41 -38.80
N ASP E 60 -1.94 -1.92 -37.60
CA ASP E 60 -2.87 -3.00 -37.35
C ASP E 60 -4.20 -2.48 -36.81
N TRP E 61 -4.42 -1.17 -36.95
CA TRP E 61 -5.63 -0.47 -36.56
C TRP E 61 -5.85 -0.38 -35.05
N SER E 62 -4.91 -0.88 -34.26
CA SER E 62 -5.02 -0.84 -32.81
C SER E 62 -4.73 0.59 -32.36
N PHE E 63 -5.57 1.11 -31.47
CA PHE E 63 -5.41 2.47 -30.99
C PHE E 63 -4.29 2.69 -29.99
N TYR E 64 -3.96 3.97 -29.76
CA TYR E 64 -2.94 4.35 -28.79
C TYR E 64 -3.15 5.81 -28.38
N LEU E 65 -3.00 6.06 -27.08
CA LEU E 65 -3.17 7.39 -26.52
C LEU E 65 -2.16 7.57 -25.38
N LEU E 66 -1.76 8.81 -25.14
CA LEU E 66 -0.84 9.11 -24.07
C LEU E 66 -1.56 10.01 -23.09
N TYR E 67 -1.72 9.55 -21.86
CA TYR E 67 -2.34 10.35 -20.82
C TYR E 67 -1.20 10.85 -19.96
N TYR E 68 -1.17 12.16 -19.74
CA TYR E 68 -0.07 12.78 -19.01
C TYR E 68 -0.53 13.92 -18.11
N THR E 69 0.29 14.20 -17.09
CA THR E 69 0.01 15.27 -16.15
C THR E 69 1.33 15.71 -15.54
N GLU E 70 1.44 16.99 -15.18
CA GLU E 70 2.65 17.51 -14.58
C GLU E 70 2.72 17.08 -13.11
N PHE E 71 3.89 16.61 -12.69
CA PHE E 71 4.04 16.17 -11.30
C PHE E 71 5.48 16.34 -10.86
N THR E 72 5.67 16.39 -9.56
CA THR E 72 7.01 16.52 -8.99
C THR E 72 7.18 15.31 -8.08
N PRO E 73 7.93 14.31 -8.52
CA PRO E 73 8.14 13.10 -7.73
C PRO E 73 8.60 13.42 -6.32
N THR E 74 8.29 12.50 -5.41
CA THR E 74 8.65 12.63 -4.01
C THR E 74 9.12 11.25 -3.55
N GLU E 75 9.93 11.22 -2.51
CA GLU E 75 10.45 9.98 -1.95
C GLU E 75 9.32 9.05 -1.51
N LYS E 76 8.23 9.64 -1.01
CA LYS E 76 7.14 8.81 -0.51
C LYS E 76 5.83 8.82 -1.27
N ASP E 77 5.73 9.56 -2.37
CA ASP E 77 4.49 9.58 -3.15
C ASP E 77 4.40 8.42 -4.13
N GLU E 78 3.23 7.80 -4.16
CA GLU E 78 2.97 6.68 -5.05
C GLU E 78 1.97 7.07 -6.13
N TYR E 79 2.29 6.71 -7.36
CA TYR E 79 1.43 7.00 -8.50
C TYR E 79 1.11 5.72 -9.26
N ALA E 80 -0.02 5.71 -9.93
CA ALA E 80 -0.43 4.54 -10.71
C ALA E 80 -1.34 4.97 -11.85
N CYS E 81 -1.63 4.04 -12.74
CA CYS E 81 -2.53 4.28 -13.85
C CYS E 81 -3.63 3.24 -13.73
N ARG E 82 -4.87 3.68 -13.77
CA ARG E 82 -5.98 2.74 -13.73
C ARG E 82 -6.69 2.82 -15.09
N VAL E 83 -6.80 1.68 -15.75
CA VAL E 83 -7.40 1.61 -17.07
C VAL E 83 -8.58 0.64 -17.11
N ASN E 84 -9.57 0.96 -17.92
CA ASN E 84 -10.72 0.08 -18.05
C ASN E 84 -11.10 0.05 -19.53
N HIS E 85 -11.49 -1.12 -19.98
CA HIS E 85 -11.83 -1.39 -21.37
C HIS E 85 -12.78 -2.57 -21.38
N VAL E 86 -13.53 -2.80 -22.47
CA VAL E 86 -14.43 -3.94 -22.59
C VAL E 86 -13.74 -5.28 -22.36
N THR E 87 -12.45 -5.33 -22.63
CA THR E 87 -11.65 -6.52 -22.47
C THR E 87 -11.09 -6.70 -21.06
N LEU E 88 -11.54 -5.90 -20.12
CA LEU E 88 -11.06 -5.94 -18.74
C LEU E 88 -12.27 -6.07 -17.83
N SER E 89 -12.37 -7.19 -17.12
CA SER E 89 -13.47 -7.42 -16.21
C SER E 89 -13.46 -6.38 -15.11
N GLN E 90 -12.28 -5.94 -14.74
CA GLN E 90 -12.08 -4.92 -13.73
C GLN E 90 -10.95 -3.99 -14.16
N PRO E 91 -11.00 -2.73 -13.74
CA PRO E 91 -9.98 -1.75 -14.09
C PRO E 91 -8.58 -2.16 -13.68
N LYS E 92 -7.71 -2.33 -14.67
CA LYS E 92 -6.34 -2.73 -14.43
C LYS E 92 -5.52 -1.57 -13.86
N ILE E 93 -4.88 -1.81 -12.73
CA ILE E 93 -4.05 -0.82 -12.05
C ILE E 93 -2.57 -1.15 -12.11
N VAL E 94 -1.82 -0.35 -12.85
CA VAL E 94 -0.38 -0.52 -12.97
C VAL E 94 0.31 0.57 -12.16
N LYS E 95 1.10 0.19 -11.18
CA LYS E 95 1.80 1.18 -10.35
C LYS E 95 3.01 1.73 -11.08
N TRP E 96 3.36 2.97 -10.75
CA TRP E 96 4.51 3.60 -11.36
C TRP E 96 5.71 3.14 -10.54
N ASP E 97 6.72 2.70 -11.24
CA ASP E 97 7.96 2.26 -10.63
C ASP E 97 8.98 3.09 -11.40
N ARG E 98 9.65 4.00 -10.74
CA ARG E 98 10.63 4.85 -11.41
C ARG E 98 11.73 4.09 -12.16
N ASP E 99 11.89 2.80 -11.90
CA ASP E 99 12.90 1.98 -12.55
C ASP E 99 12.40 1.32 -13.83
N MET E 100 11.18 1.64 -14.23
CA MET E 100 10.52 1.11 -15.41
C MET E 100 9.77 2.19 -16.18
N ALA F 1 -1.03 18.22 -46.41
CA ALA F 1 -2.41 18.73 -46.63
C ALA F 1 -3.29 17.56 -47.10
N LEU F 2 -4.56 17.64 -46.77
CA LEU F 2 -5.54 16.62 -47.07
C LEU F 2 -5.92 16.50 -48.54
N TRP F 3 -6.46 15.33 -48.87
CA TRP F 3 -6.96 15.05 -50.20
C TRP F 3 -8.22 15.87 -50.41
N GLY F 4 -8.40 16.41 -51.61
CA GLY F 4 -9.55 17.23 -51.91
C GLY F 4 -10.76 16.54 -52.49
N PHE F 5 -10.65 15.26 -52.81
CA PHE F 5 -11.79 14.49 -53.32
C PHE F 5 -12.19 13.64 -52.12
N PHE F 6 -13.49 13.44 -51.93
CA PHE F 6 -13.98 12.71 -50.77
C PHE F 6 -14.85 11.52 -51.13
N PRO F 7 -14.27 10.32 -51.21
CA PRO F 7 -15.01 9.11 -51.52
C PRO F 7 -15.85 8.50 -50.41
N VAL F 8 -16.89 7.75 -50.78
CA VAL F 8 -17.74 7.07 -49.81
C VAL F 8 -17.76 5.58 -50.09
N LEU F 9 -17.77 4.78 -49.04
CA LEU F 9 -17.81 3.33 -49.13
C LEU F 9 -19.20 2.93 -49.64
#